data_7XJ9
#
_entry.id   7XJ9
#
_cell.length_a   1.00
_cell.length_b   1.00
_cell.length_c   1.00
_cell.angle_alpha   90.00
_cell.angle_beta   90.00
_cell.angle_gamma   90.00
#
_symmetry.space_group_name_H-M   'P 1'
#
loop_
_entity.id
_entity.type
_entity.pdbx_description
1 polymer 'Spike glycoprotein'
2 polymer '55A8 light chain'
3 polymer '55A8 heavy chain'
4 polymer '58G6 light chain'
5 polymer '58G6 heavy chain'
#
loop_
_entity_poly.entity_id
_entity_poly.type
_entity_poly.pdbx_seq_one_letter_code
_entity_poly.pdbx_strand_id
1 'polypeptide(L)'
;NLCPFDEVFNATRFASVYAWNRKRISNCVADYSVLYNLAPFFTFKCYGVSPTKLNDLCFTNVYADSFVIRGDEVRQIAPG
QTGNIADYNYKLPDDFTGCVIAWNSNKLDSKVSGNYNYLYRLFRKSNLKPFERDISTEIYQAGNKPCNGVAGFNCYFPLR
SYSFRPTYGVGHQPYRVVVLSFELLHAPATVCGP
;
B,C
2 'polypeptide(L)'
;DIQMTQSPSTLSASVGDRVTITCRASQSISSWLAWYQQKPGKAPKLLIYKASSLESGVPSRFSGSGSGTEFTLTISSLQP
DDFATYYCQQYNSYSHTFGQGTKLEIKR
;
F,H
3 'polypeptide(L)'
;QVQLVQSGAEVKKPGSSVKVSCKASGGTFSSYSFIWVRQAPGQGLEWMGRIIPILGIANYAQKFQGRVTITADKSTTTAY
MELSSLRSEDTAVYYCARGTEYGDYDVSHDWGQGTLVTVSS
;
G,I
4 'polypeptide(L)'
;EIVLTQSPGTLSLSPGERATLSCRASQSVRSSYLGWYQQKPGQAPRLLIYGASSRATGIPDRFSGSGSGTDFTLTISRLE
SEDFAVYYCQQYDNSPWTFGQGTKVEIKR
;
J
5 'polypeptide(L)'
;QMQLVQSGPEVKKPGTSVKVSCKASGFTFSSSAVQWVRQARGQHLEWIGWIVVGSGNTNYAQKFQERVTLTRDMSTRTAY
MELSSLRSEDTAVYYCAAPNCNSTTCHDGFDIWGQGTVVTVSS
;
K
#
# COMPACT_ATOMS: atom_id res chain seq x y z
N LEU A 2 7.23 -17.11 -33.02
CA LEU A 2 7.61 -16.98 -31.63
C LEU A 2 6.49 -17.41 -30.69
N CYS A 3 6.44 -16.82 -29.51
CA CYS A 3 5.47 -17.16 -28.50
C CYS A 3 4.68 -15.92 -28.11
N PRO A 4 3.36 -16.02 -27.95
CA PRO A 4 2.55 -14.81 -27.75
C PRO A 4 2.71 -14.18 -26.37
N PHE A 5 3.79 -13.45 -26.17
CA PHE A 5 3.92 -12.62 -24.98
C PHE A 5 3.35 -11.22 -25.16
N ASP A 6 3.20 -10.76 -26.40
CA ASP A 6 2.65 -9.42 -26.63
C ASP A 6 1.22 -9.31 -26.12
N GLU A 7 0.45 -10.40 -26.21
CA GLU A 7 -0.93 -10.37 -25.73
C GLU A 7 -1.01 -10.36 -24.21
N VAL A 8 0.06 -10.74 -23.52
CA VAL A 8 0.04 -10.86 -22.07
C VAL A 8 0.74 -9.67 -21.43
N PHE A 9 1.78 -9.16 -22.08
CA PHE A 9 2.56 -8.07 -21.53
C PHE A 9 2.21 -6.70 -22.10
N ASN A 10 1.49 -6.64 -23.22
CA ASN A 10 1.13 -5.37 -23.84
C ASN A 10 -0.37 -5.20 -23.99
N ALA A 11 -1.17 -5.90 -23.18
CA ALA A 11 -2.61 -5.73 -23.22
C ALA A 11 -2.99 -4.35 -22.71
N THR A 12 -4.11 -3.83 -23.23
CA THR A 12 -4.56 -2.50 -22.84
C THR A 12 -4.91 -2.44 -21.36
N ARG A 13 -5.70 -3.41 -20.88
CA ARG A 13 -6.11 -3.45 -19.49
C ARG A 13 -5.92 -4.86 -18.93
N PHE A 14 -5.61 -4.92 -17.64
CA PHE A 14 -5.46 -6.18 -16.92
C PHE A 14 -6.66 -6.43 -16.03
N ALA A 15 -6.91 -7.70 -15.75
CA ALA A 15 -8.05 -8.07 -14.93
C ALA A 15 -7.81 -7.72 -13.47
N SER A 16 -8.90 -7.58 -12.73
CA SER A 16 -8.82 -7.30 -11.31
C SER A 16 -8.13 -8.45 -10.59
N VAL A 17 -7.60 -8.16 -9.40
CA VAL A 17 -6.79 -9.15 -8.70
C VAL A 17 -7.63 -10.35 -8.28
N TYR A 18 -8.88 -10.13 -7.88
CA TYR A 18 -9.70 -11.24 -7.40
C TYR A 18 -10.10 -12.17 -8.55
N ALA A 19 -10.49 -11.61 -9.69
CA ALA A 19 -10.78 -12.42 -10.88
C ALA A 19 -9.61 -12.34 -11.85
N TRP A 20 -8.49 -12.96 -11.45
CA TRP A 20 -7.29 -12.90 -12.27
C TRP A 20 -7.42 -13.83 -13.47
N ASN A 21 -6.67 -13.49 -14.53
CA ASN A 21 -6.69 -14.25 -15.77
C ASN A 21 -5.68 -15.40 -15.71
N ARG A 22 -5.84 -16.33 -16.64
CA ARG A 22 -4.97 -17.50 -16.75
C ARG A 22 -4.79 -17.84 -18.21
N LYS A 23 -3.55 -17.79 -18.69
CA LYS A 23 -3.24 -18.05 -20.09
C LYS A 23 -2.36 -19.28 -20.19
N ARG A 24 -2.74 -20.19 -21.09
CA ARG A 24 -1.97 -21.41 -21.33
C ARG A 24 -0.97 -21.17 -22.45
N ILE A 25 0.30 -21.41 -22.17
CA ILE A 25 1.38 -21.21 -23.13
C ILE A 25 2.10 -22.54 -23.32
N SER A 26 2.18 -23.01 -24.56
CA SER A 26 2.82 -24.28 -24.86
C SER A 26 3.11 -24.35 -26.35
N ASN A 27 4.12 -25.16 -26.68
CA ASN A 27 4.50 -25.41 -28.08
C ASN A 27 4.86 -24.11 -28.79
N CYS A 28 5.90 -23.44 -28.31
CA CYS A 28 6.36 -22.17 -28.86
C CYS A 28 7.82 -21.98 -28.51
N VAL A 29 8.49 -21.12 -29.27
CA VAL A 29 9.85 -20.71 -28.96
C VAL A 29 9.79 -19.41 -28.18
N ALA A 30 9.96 -19.51 -26.86
CA ALA A 30 9.77 -18.38 -25.96
C ALA A 30 11.12 -17.79 -25.61
N ASP A 31 11.35 -16.54 -26.03
CA ASP A 31 12.58 -15.81 -25.73
C ASP A 31 12.37 -14.88 -24.54
N TYR A 32 12.91 -15.27 -23.39
CA TYR A 32 12.71 -14.53 -22.16
C TYR A 32 13.64 -13.33 -22.01
N SER A 33 14.60 -13.17 -22.92
CA SER A 33 15.50 -12.01 -22.84
C SER A 33 14.80 -10.71 -23.21
N VAL A 34 13.66 -10.78 -23.90
CA VAL A 34 12.94 -9.57 -24.30
C VAL A 34 12.38 -8.84 -23.09
N LEU A 35 11.94 -9.59 -22.08
CA LEU A 35 11.26 -9.02 -20.91
C LEU A 35 12.18 -8.22 -20.01
N TYR A 36 13.46 -8.00 -20.33
CA TYR A 36 14.31 -7.18 -19.48
C TYR A 36 14.16 -5.69 -19.76
N ASN A 37 13.37 -5.31 -20.76
CA ASN A 37 13.18 -3.92 -21.14
C ASN A 37 11.82 -3.37 -20.73
N LEU A 38 11.14 -4.03 -19.79
CA LEU A 38 9.81 -3.59 -19.40
C LEU A 38 9.84 -2.21 -18.77
N ALA A 39 10.82 -1.96 -17.91
CA ALA A 39 10.94 -0.68 -17.22
C ALA A 39 12.38 -0.49 -16.80
N PRO A 40 12.81 0.75 -16.54
CA PRO A 40 14.18 0.96 -16.05
C PRO A 40 14.45 0.23 -14.74
N PHE A 41 13.45 0.10 -13.87
CA PHE A 41 13.60 -0.64 -12.62
C PHE A 41 12.31 -1.41 -12.37
N PHE A 42 12.43 -2.72 -12.20
CA PHE A 42 11.27 -3.58 -11.96
C PHE A 42 11.72 -4.83 -11.24
N THR A 43 10.76 -5.56 -10.69
CA THR A 43 11.02 -6.77 -9.93
C THR A 43 11.04 -7.97 -10.85
N PHE A 44 12.08 -8.79 -10.73
CA PHE A 44 12.22 -10.02 -11.52
C PHE A 44 12.67 -11.17 -10.64
N LYS A 45 12.00 -11.35 -9.51
CA LYS A 45 12.32 -12.48 -8.63
C LYS A 45 11.97 -13.79 -9.31
N CYS A 46 12.89 -14.75 -9.26
CA CYS A 46 12.70 -16.06 -9.86
C CYS A 46 12.89 -17.13 -8.80
N TYR A 47 11.92 -18.03 -8.70
CA TYR A 47 11.90 -19.05 -7.65
C TYR A 47 12.19 -20.40 -8.27
N GLY A 48 13.25 -21.07 -7.81
CA GLY A 48 13.56 -22.41 -8.23
C GLY A 48 14.27 -22.54 -9.55
N VAL A 49 14.37 -21.46 -10.33
CA VAL A 49 15.04 -21.49 -11.63
C VAL A 49 15.87 -20.22 -11.76
N SER A 50 17.08 -20.37 -12.28
CA SER A 50 17.93 -19.21 -12.52
C SER A 50 17.49 -18.48 -13.78
N PRO A 51 17.21 -17.17 -13.72
CA PRO A 51 16.76 -16.46 -14.91
C PRO A 51 17.77 -16.44 -16.04
N THR A 52 19.05 -16.63 -15.74
CA THR A 52 20.08 -16.60 -16.78
C THR A 52 20.13 -17.88 -17.61
N LYS A 53 19.47 -18.94 -17.17
CA LYS A 53 19.46 -20.21 -17.90
C LYS A 53 18.05 -20.61 -18.30
N LEU A 54 17.14 -19.63 -18.39
CA LEU A 54 15.78 -19.88 -18.86
C LEU A 54 15.67 -19.88 -20.37
N ASN A 55 16.74 -19.52 -21.08
CA ASN A 55 16.72 -19.39 -22.53
C ASN A 55 17.11 -20.69 -23.23
N ASP A 56 17.37 -21.76 -22.49
CA ASP A 56 17.68 -23.05 -23.09
C ASP A 56 16.94 -24.22 -22.45
N LEU A 57 16.26 -24.02 -21.32
CA LEU A 57 15.50 -25.10 -20.71
C LEU A 57 14.21 -25.34 -21.49
N CYS A 58 13.61 -26.50 -21.25
CA CYS A 58 12.36 -26.88 -21.92
C CYS A 58 11.34 -27.30 -20.88
N PHE A 59 10.09 -26.90 -21.11
CA PHE A 59 9.00 -27.17 -20.18
C PHE A 59 7.80 -27.70 -20.95
N THR A 60 7.04 -28.58 -20.31
CA THR A 60 5.86 -29.14 -20.96
C THR A 60 4.77 -28.08 -21.15
N ASN A 61 4.56 -27.23 -20.14
CA ASN A 61 3.58 -26.16 -20.21
C ASN A 61 4.09 -24.97 -19.40
N VAL A 62 3.61 -23.79 -19.78
CA VAL A 62 3.94 -22.56 -19.07
C VAL A 62 2.65 -21.77 -18.88
N TYR A 63 2.43 -21.26 -17.68
CA TYR A 63 1.20 -20.56 -17.33
C TYR A 63 1.50 -19.09 -17.07
N ALA A 64 0.59 -18.22 -17.49
CA ALA A 64 0.72 -16.79 -17.29
C ALA A 64 -0.52 -16.25 -16.59
N ASP A 65 -0.32 -15.56 -15.47
CA ASP A 65 -1.40 -14.97 -14.70
C ASP A 65 -1.13 -13.48 -14.53
N SER A 66 -2.13 -12.66 -14.83
CA SER A 66 -1.97 -11.22 -14.84
C SER A 66 -3.05 -10.57 -13.99
N PHE A 67 -2.67 -9.51 -13.27
CA PHE A 67 -3.60 -8.72 -12.48
C PHE A 67 -2.92 -7.42 -12.10
N VAL A 68 -3.65 -6.58 -11.35
CA VAL A 68 -3.15 -5.28 -10.92
C VAL A 68 -3.35 -5.17 -9.41
N ILE A 69 -2.29 -4.82 -8.68
CA ILE A 69 -2.33 -4.70 -7.23
C ILE A 69 -1.66 -3.40 -6.81
N ARG A 70 -1.71 -3.13 -5.51
CA ARG A 70 -1.15 -1.92 -4.95
C ARG A 70 0.38 -1.98 -4.96
N GLY A 71 1.00 -0.80 -4.98
CA GLY A 71 2.45 -0.74 -5.12
C GLY A 71 3.21 -1.36 -3.96
N ASP A 72 2.81 -1.02 -2.74
CA ASP A 72 3.52 -1.48 -1.56
C ASP A 72 3.07 -2.87 -1.11
N GLU A 73 2.09 -3.46 -1.79
CA GLU A 73 1.49 -4.71 -1.38
C GLU A 73 1.91 -5.86 -2.30
N VAL A 74 2.85 -5.60 -3.22
CA VAL A 74 3.31 -6.61 -4.15
C VAL A 74 4.20 -7.65 -3.49
N ARG A 75 4.74 -7.35 -2.31
CA ARG A 75 5.63 -8.30 -1.63
C ARG A 75 4.89 -9.55 -1.17
N GLN A 76 3.56 -9.52 -1.15
CA GLN A 76 2.77 -10.67 -0.72
C GLN A 76 2.71 -11.77 -1.78
N ILE A 77 3.11 -11.48 -3.01
CA ILE A 77 3.06 -12.50 -4.09
C ILE A 77 4.41 -13.21 -4.04
N ALA A 78 4.48 -14.20 -3.16
CA ALA A 78 5.68 -15.01 -2.98
C ALA A 78 5.33 -16.25 -2.17
N PRO A 79 6.07 -17.36 -2.34
CA PRO A 79 5.77 -18.56 -1.55
C PRO A 79 5.95 -18.29 -0.05
N GLY A 80 5.08 -18.91 0.75
CA GLY A 80 5.19 -18.81 2.19
C GLY A 80 4.89 -17.46 2.78
N GLN A 81 4.19 -16.59 2.06
CA GLN A 81 3.85 -15.26 2.53
C GLN A 81 2.38 -15.19 2.91
N THR A 82 2.03 -14.15 3.65
CA THR A 82 0.66 -13.94 4.09
C THR A 82 0.36 -12.46 4.14
N GLY A 83 -0.92 -12.13 4.16
CA GLY A 83 -1.36 -10.74 4.15
C GLY A 83 -2.81 -10.61 3.73
N ASN A 84 -3.08 -9.71 2.79
CA ASN A 84 -4.43 -9.50 2.29
C ASN A 84 -4.65 -10.13 0.91
N ILE A 85 -3.73 -9.90 -0.03
CA ILE A 85 -3.82 -10.55 -1.33
C ILE A 85 -3.53 -12.04 -1.21
N ALA A 86 -2.54 -12.40 -0.40
CA ALA A 86 -2.05 -13.78 -0.39
C ALA A 86 -3.12 -14.76 0.08
N ASP A 87 -3.85 -14.41 1.13
CA ASP A 87 -4.81 -15.33 1.72
C ASP A 87 -6.27 -14.94 1.50
N TYR A 88 -6.56 -14.05 0.56
CA TYR A 88 -7.93 -13.79 0.14
C TYR A 88 -8.13 -13.79 -1.36
N ASN A 89 -7.09 -13.47 -2.13
CA ASN A 89 -7.24 -13.30 -3.58
C ASN A 89 -6.40 -14.26 -4.39
N TYR A 90 -5.09 -14.34 -4.13
CA TYR A 90 -4.19 -15.14 -4.95
C TYR A 90 -3.13 -15.76 -4.03
N LYS A 91 -3.16 -17.09 -3.93
CA LYS A 91 -2.27 -17.83 -3.05
C LYS A 91 -1.24 -18.58 -3.89
N LEU A 92 0.04 -18.32 -3.62
CA LEU A 92 1.13 -19.02 -4.28
C LEU A 92 1.56 -20.22 -3.45
N PRO A 93 1.67 -21.41 -4.03
CA PRO A 93 2.06 -22.59 -3.25
C PRO A 93 3.50 -22.47 -2.77
N ASP A 94 3.78 -23.17 -1.68
CA ASP A 94 5.14 -23.17 -1.13
C ASP A 94 6.12 -23.84 -2.08
N ASP A 95 5.72 -24.94 -2.71
CA ASP A 95 6.56 -25.63 -3.69
C ASP A 95 6.31 -25.01 -5.08
N PHE A 96 6.75 -23.77 -5.22
CA PHE A 96 6.55 -23.00 -6.44
C PHE A 96 7.85 -22.84 -7.18
N THR A 97 7.82 -23.09 -8.49
CA THR A 97 8.95 -22.87 -9.38
C THR A 97 8.51 -21.95 -10.51
N GLY A 98 9.35 -20.96 -10.83
CA GLY A 98 9.03 -20.00 -11.85
C GLY A 98 9.52 -18.63 -11.46
N CYS A 99 8.95 -17.61 -12.08
CA CYS A 99 9.35 -16.23 -11.87
C CYS A 99 8.12 -15.35 -11.72
N VAL A 100 8.31 -14.20 -11.07
CA VAL A 100 7.27 -13.19 -10.94
C VAL A 100 7.83 -11.87 -11.47
N ILE A 101 7.02 -11.16 -12.26
CA ILE A 101 7.44 -9.92 -12.88
C ILE A 101 6.42 -8.84 -12.54
N ALA A 102 6.90 -7.71 -12.03
CA ALA A 102 6.04 -6.60 -11.65
C ALA A 102 6.73 -5.29 -11.98
N TRP A 103 6.00 -4.39 -12.63
CA TRP A 103 6.53 -3.09 -12.99
C TRP A 103 5.46 -2.03 -12.79
N ASN A 104 5.89 -0.81 -12.50
CA ASN A 104 4.96 0.27 -12.25
C ASN A 104 4.17 0.61 -13.51
N SER A 105 2.91 0.99 -13.31
CA SER A 105 1.99 1.32 -14.39
C SER A 105 1.28 2.63 -14.11
N ASN A 106 2.06 3.64 -13.72
CA ASN A 106 1.48 4.95 -13.37
C ASN A 106 0.74 5.56 -14.55
N LYS A 107 1.34 5.54 -15.73
CA LYS A 107 0.80 6.27 -16.87
C LYS A 107 -0.34 5.54 -17.56
N LEU A 108 -0.62 4.30 -17.20
CA LEU A 108 -1.61 3.50 -17.91
C LEU A 108 -2.85 3.15 -17.08
N ASP A 109 -2.73 3.11 -15.75
CA ASP A 109 -3.83 2.71 -14.88
C ASP A 109 -4.07 3.76 -13.81
N SER A 110 -4.13 5.03 -14.22
CA SER A 110 -4.39 6.12 -13.30
C SER A 110 -5.39 7.08 -13.91
N LYS A 111 -6.22 7.67 -13.06
CA LYS A 111 -7.18 8.68 -13.48
C LYS A 111 -7.26 9.77 -12.42
N VAL A 112 -7.33 11.03 -12.87
CA VAL A 112 -7.49 12.13 -11.93
C VAL A 112 -8.80 12.00 -11.18
N SER A 113 -9.88 11.64 -11.89
CA SER A 113 -11.15 11.36 -11.22
C SER A 113 -11.02 10.17 -10.29
N GLY A 114 -10.28 9.15 -10.70
CA GLY A 114 -10.07 7.97 -9.88
C GLY A 114 -10.57 6.73 -10.59
N ASN A 115 -9.70 5.74 -10.70
CA ASN A 115 -10.06 4.49 -11.34
C ASN A 115 -10.77 3.59 -10.35
N TYR A 116 -11.93 3.07 -10.74
CA TYR A 116 -12.73 2.21 -9.88
C TYR A 116 -12.96 0.83 -10.47
N ASN A 117 -12.26 0.47 -11.54
CA ASN A 117 -12.44 -0.82 -12.19
C ASN A 117 -11.53 -1.90 -11.63
N TYR A 118 -10.65 -1.57 -10.69
CA TYR A 118 -9.75 -2.53 -10.08
C TYR A 118 -10.22 -2.78 -8.67
N LEU A 119 -10.69 -4.00 -8.40
CA LEU A 119 -11.29 -4.36 -7.13
C LEU A 119 -10.49 -5.47 -6.47
N TYR A 120 -10.54 -5.50 -5.14
CA TYR A 120 -9.90 -6.56 -4.37
C TYR A 120 -10.85 -7.01 -3.27
N ARG A 121 -10.95 -8.32 -3.10
CA ARG A 121 -11.83 -8.90 -2.09
C ARG A 121 -11.30 -8.62 -0.70
N LEU A 122 -12.21 -8.39 0.25
CA LEU A 122 -11.84 -7.96 1.58
C LEU A 122 -12.21 -8.94 2.68
N PHE A 123 -13.43 -9.49 2.65
CA PHE A 123 -13.91 -10.35 3.73
C PHE A 123 -14.12 -11.76 3.21
N ARG A 124 -13.52 -12.74 3.89
CA ARG A 124 -13.79 -14.15 3.65
C ARG A 124 -13.83 -14.88 4.98
N LYS A 125 -14.62 -15.96 5.03
CA LYS A 125 -14.70 -16.78 6.26
C LYS A 125 -13.49 -17.71 6.33
N SER A 126 -12.93 -18.10 5.17
CA SER A 126 -11.78 -18.99 5.12
C SER A 126 -10.80 -18.46 4.08
N ASN A 127 -9.53 -18.83 4.25
CA ASN A 127 -8.49 -18.38 3.34
C ASN A 127 -8.55 -19.19 2.04
N LEU A 128 -7.53 -19.03 1.19
CA LEU A 128 -7.52 -19.64 -0.13
C LEU A 128 -6.42 -20.69 -0.22
N LYS A 129 -6.76 -21.83 -0.81
CA LYS A 129 -5.76 -22.80 -1.20
C LYS A 129 -4.96 -22.26 -2.39
N PRO A 130 -3.74 -22.74 -2.59
CA PRO A 130 -2.94 -22.26 -3.73
C PRO A 130 -3.65 -22.49 -5.06
N PHE A 131 -3.57 -21.48 -5.92
CA PHE A 131 -4.18 -21.50 -7.25
C PHE A 131 -5.67 -21.84 -7.18
N GLU A 132 -6.41 -20.96 -6.53
CA GLU A 132 -7.86 -21.08 -6.42
C GLU A 132 -8.49 -19.72 -6.56
N ARG A 133 -9.57 -19.62 -7.34
CA ARG A 133 -10.24 -18.36 -7.61
C ARG A 133 -11.55 -18.29 -6.84
N ASP A 134 -11.97 -17.06 -6.54
CA ASP A 134 -13.25 -16.80 -5.89
C ASP A 134 -13.84 -15.54 -6.51
N ILE A 135 -14.91 -15.69 -7.28
CA ILE A 135 -15.59 -14.57 -7.91
C ILE A 135 -16.99 -14.36 -7.33
N SER A 136 -17.32 -15.08 -6.27
CA SER A 136 -18.62 -14.93 -5.64
C SER A 136 -18.74 -13.55 -4.97
N THR A 137 -19.90 -12.92 -5.13
CA THR A 137 -20.13 -11.59 -4.61
C THR A 137 -21.32 -11.52 -3.66
N GLU A 138 -21.70 -12.63 -3.06
CA GLU A 138 -22.76 -12.61 -2.06
C GLU A 138 -22.32 -11.80 -0.84
N ILE A 139 -23.29 -11.18 -0.18
CA ILE A 139 -22.98 -10.31 0.95
C ILE A 139 -22.37 -11.12 2.08
N TYR A 140 -21.30 -10.59 2.66
CA TYR A 140 -20.56 -11.27 3.72
C TYR A 140 -21.26 -11.08 5.06
N GLN A 141 -21.23 -12.10 5.89
CA GLN A 141 -21.83 -12.06 7.23
C GLN A 141 -20.71 -12.06 8.26
N ALA A 142 -20.68 -11.03 9.11
CA ALA A 142 -19.60 -10.88 10.08
C ALA A 142 -20.01 -11.30 11.48
N GLY A 143 -21.31 -11.30 11.78
CA GLY A 143 -21.80 -11.60 13.11
C GLY A 143 -22.49 -12.95 13.18
N ASN A 144 -23.66 -12.97 13.81
CA ASN A 144 -24.43 -14.19 14.02
C ASN A 144 -25.80 -14.14 13.37
N LYS A 145 -26.53 -13.04 13.59
CA LYS A 145 -27.92 -12.97 13.07
C LYS A 145 -27.90 -12.93 11.54
N PRO A 146 -28.76 -13.72 10.84
CA PRO A 146 -28.72 -13.79 9.37
C PRO A 146 -29.29 -12.52 8.75
N CYS A 147 -28.45 -11.85 7.95
CA CYS A 147 -28.81 -10.56 7.37
C CYS A 147 -29.51 -10.68 6.02
N ASN A 148 -29.60 -11.88 5.47
CA ASN A 148 -30.37 -12.22 4.27
C ASN A 148 -30.33 -11.16 3.17
N GLY A 149 -29.16 -10.58 2.94
CA GLY A 149 -28.97 -9.70 1.80
C GLY A 149 -29.29 -8.24 2.04
N VAL A 150 -28.68 -7.64 3.05
CA VAL A 150 -28.82 -6.21 3.32
C VAL A 150 -27.48 -5.69 3.82
N ALA A 151 -27.14 -4.46 3.46
CA ALA A 151 -25.86 -3.86 3.84
C ALA A 151 -26.03 -2.99 5.09
N GLY A 152 -26.27 -3.66 6.20
CA GLY A 152 -26.36 -2.98 7.49
C GLY A 152 -25.02 -2.91 8.17
N PHE A 153 -24.91 -3.47 9.37
CA PHE A 153 -23.63 -3.66 10.03
C PHE A 153 -23.47 -5.13 10.37
N ASN A 154 -22.23 -5.60 10.47
CA ASN A 154 -22.03 -7.06 10.67
C ASN A 154 -22.52 -7.76 9.40
N CYS A 155 -22.66 -7.02 8.30
CA CYS A 155 -23.06 -7.63 7.03
C CYS A 155 -22.70 -6.62 5.94
N TYR A 156 -21.55 -6.83 5.30
CA TYR A 156 -20.99 -5.86 4.37
C TYR A 156 -20.71 -6.52 3.03
N PHE A 157 -20.65 -5.67 1.99
CA PHE A 157 -20.23 -6.13 0.69
C PHE A 157 -18.74 -6.50 0.72
N PRO A 158 -18.36 -7.65 0.17
CA PRO A 158 -16.99 -8.14 0.38
C PRO A 158 -15.94 -7.48 -0.49
N LEU A 159 -16.34 -6.89 -1.62
CA LEU A 159 -15.38 -6.36 -2.59
C LEU A 159 -15.25 -4.85 -2.42
N ARG A 160 -14.00 -4.38 -2.31
CA ARG A 160 -13.68 -2.96 -2.28
C ARG A 160 -13.01 -2.58 -3.60
N SER A 161 -12.58 -1.33 -3.70
CA SER A 161 -12.03 -0.81 -4.95
C SER A 161 -10.65 -0.22 -4.73
N TYR A 162 -9.79 -0.35 -5.74
CA TYR A 162 -8.49 0.32 -5.77
C TYR A 162 -8.69 1.67 -6.43
N SER A 163 -8.95 2.69 -5.63
CA SER A 163 -9.19 4.03 -6.15
C SER A 163 -7.85 4.63 -6.59
N PHE A 164 -7.41 4.23 -7.77
CA PHE A 164 -6.12 4.67 -8.29
C PHE A 164 -6.20 6.11 -8.79
N ARG A 165 -5.10 6.85 -8.60
CA ARG A 165 -5.04 8.26 -8.93
C ARG A 165 -3.58 8.65 -9.03
N PRO A 166 -3.19 9.44 -10.03
CA PRO A 166 -1.75 9.74 -10.22
C PRO A 166 -1.13 10.52 -9.08
N THR A 167 -1.92 11.19 -8.26
CA THR A 167 -1.38 12.00 -7.16
C THR A 167 -0.94 11.18 -5.97
N TYR A 168 -1.16 9.86 -5.98
CA TYR A 168 -0.80 9.03 -4.85
C TYR A 168 0.71 8.86 -4.76
N GLY A 169 1.16 8.35 -3.61
CA GLY A 169 2.56 8.01 -3.44
C GLY A 169 2.91 6.70 -4.11
N VAL A 170 4.20 6.37 -4.06
CA VAL A 170 4.69 5.18 -4.75
C VAL A 170 4.05 3.92 -4.16
N GLY A 171 3.84 3.91 -2.84
CA GLY A 171 3.24 2.76 -2.19
C GLY A 171 1.82 2.45 -2.64
N HIS A 172 1.07 3.46 -3.07
CA HIS A 172 -0.32 3.27 -3.50
C HIS A 172 -0.47 3.29 -5.02
N GLN A 173 0.62 3.17 -5.76
CA GLN A 173 0.54 3.26 -7.22
C GLN A 173 0.21 1.89 -7.82
N PRO A 174 -0.55 1.85 -8.91
CA PRO A 174 -0.86 0.55 -9.53
C PRO A 174 0.39 -0.14 -10.05
N TYR A 175 0.42 -1.46 -9.90
CA TYR A 175 1.53 -2.27 -10.36
C TYR A 175 0.98 -3.49 -11.10
N ARG A 176 1.40 -3.67 -12.34
CA ARG A 176 0.97 -4.81 -13.14
C ARG A 176 1.90 -5.98 -12.87
N VAL A 177 1.32 -7.13 -12.56
CA VAL A 177 2.07 -8.32 -12.16
C VAL A 177 1.75 -9.45 -13.11
N VAL A 178 2.78 -10.13 -13.60
CA VAL A 178 2.63 -11.32 -14.44
C VAL A 178 3.43 -12.43 -13.80
N VAL A 179 2.77 -13.55 -13.48
CA VAL A 179 3.39 -14.67 -12.79
C VAL A 179 3.49 -15.84 -13.77
N LEU A 180 4.71 -16.26 -14.06
CA LEU A 180 4.95 -17.42 -14.90
C LEU A 180 5.14 -18.64 -14.01
N SER A 181 4.41 -19.70 -14.30
CA SER A 181 4.39 -20.91 -13.48
C SER A 181 4.88 -22.07 -14.35
N PHE A 182 6.18 -22.30 -14.34
CA PHE A 182 6.77 -23.38 -15.11
C PHE A 182 6.50 -24.72 -14.43
N GLU A 183 6.49 -25.78 -15.24
CA GLU A 183 6.45 -27.13 -14.67
C GLU A 183 6.87 -28.13 -15.73
N LEU A 184 7.32 -29.30 -15.25
CA LEU A 184 7.67 -30.43 -16.10
C LEU A 184 6.86 -31.64 -15.68
N LEU A 185 6.41 -32.42 -16.67
CA LEU A 185 5.72 -33.67 -16.41
C LEU A 185 6.35 -34.78 -17.23
N HIS A 186 5.75 -35.97 -17.20
CA HIS A 186 6.26 -37.06 -18.02
C HIS A 186 6.04 -36.82 -19.51
N ALA A 187 5.19 -35.85 -19.87
CA ALA A 187 4.97 -35.52 -21.26
C ALA A 187 6.21 -34.80 -21.83
N PRO A 188 6.42 -34.88 -23.13
CA PRO A 188 7.55 -34.16 -23.73
C PRO A 188 7.42 -32.65 -23.57
N ALA A 189 8.56 -31.99 -23.42
CA ALA A 189 8.60 -30.54 -23.28
C ALA A 189 8.73 -29.88 -24.64
N THR A 190 8.04 -28.75 -24.81
CA THR A 190 8.00 -28.08 -26.10
C THR A 190 8.43 -26.62 -26.00
N VAL A 191 8.18 -25.98 -24.85
CA VAL A 191 8.46 -24.56 -24.70
C VAL A 191 9.95 -24.37 -24.45
N CYS A 192 10.70 -24.17 -25.52
CA CYS A 192 12.16 -24.05 -25.44
C CYS A 192 12.59 -22.72 -26.06
N GLY A 193 13.62 -22.11 -25.46
CA GLY A 193 14.15 -20.87 -25.97
C GLY A 193 14.87 -21.07 -27.29
N PRO A 194 15.14 -19.97 -28.00
CA PRO A 194 15.80 -20.03 -29.31
C PRO A 194 17.22 -20.56 -29.22
N ASN B 1 49.87 -24.38 18.72
CA ASN B 1 49.83 -23.30 17.74
C ASN B 1 48.63 -23.48 16.81
N LEU B 2 47.43 -23.29 17.36
CA LEU B 2 46.21 -23.56 16.61
C LEU B 2 46.04 -22.58 15.45
N CYS B 3 45.38 -23.03 14.40
CA CYS B 3 45.09 -22.20 13.24
C CYS B 3 43.95 -21.23 13.56
N PRO B 4 43.92 -20.08 12.91
CA PRO B 4 42.88 -19.07 13.21
C PRO B 4 41.61 -19.27 12.39
N PHE B 5 40.83 -20.30 12.73
CA PHE B 5 39.53 -20.49 12.12
C PHE B 5 38.45 -19.64 12.75
N ASP B 6 38.66 -19.16 13.97
CA ASP B 6 37.66 -18.33 14.63
C ASP B 6 37.47 -17.00 13.89
N GLU B 7 38.57 -16.40 13.43
CA GLU B 7 38.47 -15.12 12.73
C GLU B 7 37.92 -15.29 11.32
N VAL B 8 37.73 -16.52 10.85
CA VAL B 8 37.11 -16.73 9.55
C VAL B 8 35.62 -17.03 9.71
N PHE B 9 35.27 -17.86 10.70
CA PHE B 9 33.90 -18.29 10.88
C PHE B 9 33.09 -17.35 11.77
N ASN B 10 33.73 -16.60 12.66
CA ASN B 10 33.05 -15.72 13.59
C ASN B 10 33.23 -14.25 13.22
N ALA B 11 33.51 -13.95 11.96
CA ALA B 11 33.65 -12.56 11.54
C ALA B 11 32.31 -11.85 11.59
N THR B 12 32.37 -10.52 11.73
CA THR B 12 31.15 -9.73 11.86
C THR B 12 30.40 -9.59 10.54
N ARG B 13 31.11 -9.44 9.42
CA ARG B 13 30.48 -9.27 8.12
C ARG B 13 31.23 -10.08 7.08
N PHE B 14 30.50 -10.90 6.33
CA PHE B 14 31.08 -11.65 5.23
C PHE B 14 31.01 -10.85 3.94
N ALA B 15 31.95 -11.09 3.05
CA ALA B 15 32.03 -10.34 1.81
C ALA B 15 30.94 -10.77 0.83
N SER B 16 30.67 -9.91 -0.15
CA SER B 16 29.70 -10.22 -1.18
C SER B 16 30.21 -11.35 -2.06
N VAL B 17 29.27 -12.03 -2.72
CA VAL B 17 29.64 -13.22 -3.50
C VAL B 17 30.50 -12.86 -4.69
N TYR B 18 30.23 -11.71 -5.34
CA TYR B 18 31.00 -11.36 -6.52
C TYR B 18 32.41 -10.91 -6.16
N ALA B 19 32.55 -10.12 -5.10
CA ALA B 19 33.87 -9.78 -4.57
C ALA B 19 34.17 -10.62 -3.34
N TRP B 20 34.28 -11.93 -3.54
CA TRP B 20 34.48 -12.83 -2.42
C TRP B 20 35.86 -12.65 -1.80
N ASN B 21 35.96 -13.01 -0.54
CA ASN B 21 37.19 -12.85 0.23
C ASN B 21 38.05 -14.10 0.14
N ARG B 22 39.33 -13.94 0.43
CA ARG B 22 40.29 -15.03 0.38
C ARG B 22 41.25 -14.93 1.56
N LYS B 23 41.51 -16.06 2.20
CA LYS B 23 42.37 -16.12 3.37
C LYS B 23 43.34 -17.28 3.23
N ARG B 24 44.57 -17.08 3.70
CA ARG B 24 45.62 -18.10 3.63
C ARG B 24 45.89 -18.65 5.01
N ILE B 25 45.98 -19.96 5.12
CA ILE B 25 46.26 -20.65 6.37
C ILE B 25 47.55 -21.45 6.20
N SER B 26 48.50 -21.24 7.11
CA SER B 26 49.76 -21.97 7.05
C SER B 26 50.48 -21.86 8.38
N ASN B 27 51.42 -22.79 8.61
CA ASN B 27 52.26 -22.83 9.79
C ASN B 27 51.44 -22.84 11.08
N CYS B 28 50.59 -23.85 11.21
CA CYS B 28 49.79 -24.01 12.41
C CYS B 28 49.24 -25.42 12.46
N VAL B 29 48.78 -25.82 13.64
CA VAL B 29 48.09 -27.09 13.83
C VAL B 29 46.59 -26.85 13.75
N ALA B 30 45.91 -27.62 12.92
CA ALA B 30 44.49 -27.42 12.63
C ALA B 30 43.69 -28.60 13.15
N ASP B 31 42.85 -28.35 14.14
CA ASP B 31 41.90 -29.33 14.65
C ASP B 31 40.51 -28.86 14.23
N TYR B 32 39.73 -29.77 13.63
CA TYR B 32 38.46 -29.41 13.04
C TYR B 32 37.27 -29.68 13.95
N SER B 33 37.51 -30.12 15.19
CA SER B 33 36.41 -30.31 16.12
C SER B 33 35.82 -28.98 16.59
N VAL B 34 36.56 -27.89 16.46
CA VAL B 34 36.10 -26.60 16.97
C VAL B 34 34.89 -26.10 16.19
N LEU B 35 34.82 -26.38 14.89
CA LEU B 35 33.74 -25.85 14.08
C LEU B 35 32.48 -26.71 14.13
N TYR B 36 32.49 -27.83 14.86
CA TYR B 36 31.28 -28.61 15.02
C TYR B 36 30.30 -27.98 16.00
N ASN B 37 30.72 -26.98 16.77
CA ASN B 37 29.84 -26.23 17.66
C ASN B 37 29.09 -25.11 16.94
N LEU B 38 29.03 -25.17 15.61
CA LEU B 38 28.37 -24.15 14.82
C LEU B 38 26.86 -24.39 14.84
N ALA B 39 26.13 -23.74 13.94
CA ALA B 39 24.70 -23.96 13.83
C ALA B 39 24.44 -25.44 13.55
N PRO B 40 23.42 -26.04 14.16
CA PRO B 40 23.27 -27.50 14.08
C PRO B 40 22.93 -28.02 12.70
N PHE B 41 22.65 -27.14 11.73
CA PHE B 41 22.24 -27.60 10.41
C PHE B 41 23.19 -27.11 9.32
N PHE B 42 24.49 -27.24 9.55
CA PHE B 42 25.50 -26.80 8.59
C PHE B 42 25.81 -27.96 7.64
N THR B 43 25.72 -27.69 6.34
CA THR B 43 26.07 -28.69 5.34
C THR B 43 27.58 -28.79 5.21
N PHE B 44 28.09 -30.02 5.34
CA PHE B 44 29.53 -30.26 5.40
C PHE B 44 29.97 -31.24 4.31
N LYS B 45 29.44 -31.07 3.10
CA LYS B 45 29.84 -31.93 1.99
C LYS B 45 31.30 -31.66 1.63
N CYS B 46 32.08 -32.72 1.50
CA CYS B 46 33.51 -32.59 1.22
C CYS B 46 33.88 -33.47 0.04
N TYR B 47 34.58 -32.88 -0.93
CA TYR B 47 35.01 -33.59 -2.13
C TYR B 47 36.48 -33.96 -2.01
N GLY B 48 36.79 -35.24 -2.24
CA GLY B 48 38.16 -35.71 -2.23
C GLY B 48 38.64 -36.25 -0.91
N VAL B 49 37.89 -36.06 0.17
CA VAL B 49 38.28 -36.56 1.48
C VAL B 49 37.05 -36.61 2.37
N SER B 50 36.95 -37.66 3.16
CA SER B 50 35.80 -37.81 4.06
C SER B 50 35.85 -36.75 5.16
N PRO B 51 34.70 -36.17 5.51
CA PRO B 51 34.70 -35.08 6.50
C PRO B 51 35.19 -35.50 7.88
N THR B 52 34.95 -36.74 8.30
CA THR B 52 35.24 -37.12 9.67
C THR B 52 36.72 -37.30 9.95
N LYS B 53 37.52 -37.67 8.93
CA LYS B 53 38.92 -38.01 9.12
C LYS B 53 39.87 -36.88 8.71
N LEU B 54 39.49 -35.63 8.94
CA LEU B 54 40.31 -34.50 8.55
C LEU B 54 41.34 -34.09 9.60
N ASN B 55 41.37 -34.76 10.76
CA ASN B 55 42.28 -34.35 11.82
C ASN B 55 43.71 -34.78 11.53
N ASP B 56 43.94 -36.09 11.45
CA ASP B 56 45.30 -36.62 11.36
C ASP B 56 45.77 -36.63 9.89
N LEU B 57 45.94 -35.42 9.36
CA LEU B 57 46.43 -35.25 8.00
C LEU B 57 47.37 -34.07 7.97
N CYS B 58 48.25 -34.05 6.97
CA CYS B 58 49.27 -33.02 6.83
C CYS B 58 49.11 -32.35 5.46
N PHE B 59 48.28 -31.33 5.40
CA PHE B 59 48.10 -30.57 4.17
C PHE B 59 49.31 -29.70 3.91
N THR B 60 49.44 -29.24 2.67
CA THR B 60 50.55 -28.36 2.32
C THR B 60 50.15 -26.90 2.37
N ASN B 61 49.03 -26.54 1.75
CA ASN B 61 48.55 -25.17 1.75
C ASN B 61 47.03 -25.18 1.76
N VAL B 62 46.44 -24.36 2.62
CA VAL B 62 45.01 -24.33 2.83
C VAL B 62 44.50 -22.91 2.63
N TYR B 63 43.39 -22.78 1.92
CA TYR B 63 42.74 -21.50 1.70
C TYR B 63 41.34 -21.52 2.30
N ALA B 64 40.71 -20.34 2.35
CA ALA B 64 39.35 -20.22 2.86
C ALA B 64 38.68 -19.04 2.19
N ASP B 65 37.59 -19.31 1.48
CA ASP B 65 36.84 -18.29 0.76
C ASP B 65 35.45 -18.17 1.38
N SER B 66 35.05 -16.95 1.70
CA SER B 66 33.80 -16.69 2.40
C SER B 66 32.94 -15.72 1.62
N PHE B 67 31.64 -15.98 1.60
CA PHE B 67 30.66 -15.12 0.94
C PHE B 67 29.28 -15.52 1.44
N VAL B 68 28.26 -14.81 0.97
CA VAL B 68 26.87 -15.04 1.37
C VAL B 68 26.01 -15.14 0.12
N ILE B 69 25.21 -16.19 0.04
CA ILE B 69 24.35 -16.47 -1.10
C ILE B 69 22.97 -16.87 -0.60
N ARG B 70 22.04 -17.05 -1.53
CA ARG B 70 20.68 -17.42 -1.20
C ARG B 70 20.61 -18.90 -0.80
N GLY B 71 19.44 -19.29 -0.30
CA GLY B 71 19.27 -20.66 0.15
C GLY B 71 19.32 -21.67 -0.97
N ASP B 72 18.67 -21.36 -2.09
CA ASP B 72 18.62 -22.30 -3.21
C ASP B 72 19.89 -22.28 -4.05
N GLU B 73 20.72 -21.26 -3.91
CA GLU B 73 21.95 -21.17 -4.68
C GLU B 73 23.11 -21.91 -4.02
N VAL B 74 22.89 -22.54 -2.86
CA VAL B 74 23.94 -23.31 -2.22
C VAL B 74 24.25 -24.57 -2.99
N ARG B 75 23.37 -24.99 -3.90
CA ARG B 75 23.66 -26.15 -4.74
C ARG B 75 24.65 -25.81 -5.84
N GLN B 76 24.66 -24.56 -6.30
CA GLN B 76 25.57 -24.15 -7.37
C GLN B 76 27.02 -24.14 -6.94
N ILE B 77 27.30 -24.21 -5.65
CA ILE B 77 28.70 -24.24 -5.16
C ILE B 77 29.10 -25.70 -5.13
N ALA B 78 29.54 -26.19 -6.28
CA ALA B 78 30.00 -27.57 -6.44
C ALA B 78 30.74 -27.65 -7.76
N PRO B 79 31.72 -28.55 -7.88
CA PRO B 79 32.46 -28.65 -9.15
C PRO B 79 31.56 -29.05 -10.30
N GLY B 80 31.69 -28.33 -11.41
CA GLY B 80 30.97 -28.66 -12.63
C GLY B 80 29.56 -28.14 -12.72
N GLN B 81 29.05 -27.46 -11.69
CA GLN B 81 27.69 -26.94 -11.75
C GLN B 81 27.63 -25.75 -12.70
N THR B 82 26.40 -25.36 -13.05
CA THR B 82 26.17 -24.24 -13.93
C THR B 82 25.02 -23.40 -13.40
N GLY B 83 24.97 -22.15 -13.85
CA GLY B 83 23.98 -21.21 -13.41
C GLY B 83 24.56 -19.82 -13.35
N ASN B 84 23.85 -18.92 -12.67
CA ASN B 84 24.35 -17.56 -12.51
C ASN B 84 25.57 -17.51 -11.61
N ILE B 85 25.47 -18.15 -10.43
CA ILE B 85 26.56 -18.08 -9.46
C ILE B 85 27.76 -18.86 -9.94
N ALA B 86 27.54 -20.06 -10.46
CA ALA B 86 28.65 -20.91 -10.90
C ALA B 86 29.40 -20.32 -12.07
N ASP B 87 28.79 -19.41 -12.83
CA ASP B 87 29.43 -18.86 -14.02
C ASP B 87 29.98 -17.46 -13.82
N TYR B 88 29.24 -16.56 -13.14
CA TYR B 88 29.60 -15.16 -13.12
C TYR B 88 30.19 -14.69 -11.80
N ASN B 89 30.08 -15.46 -10.73
CA ASN B 89 30.54 -15.01 -9.43
C ASN B 89 31.62 -15.90 -8.84
N TYR B 90 31.43 -17.21 -8.82
CA TYR B 90 32.39 -18.11 -8.18
C TYR B 90 32.38 -19.43 -8.90
N LYS B 91 33.49 -19.76 -9.56
CA LYS B 91 33.62 -20.98 -10.34
C LYS B 91 34.67 -21.88 -9.70
N LEU B 92 34.30 -23.13 -9.44
CA LEU B 92 35.16 -24.16 -8.86
C LEU B 92 35.76 -25.03 -9.95
N PRO B 93 36.99 -25.50 -9.78
CA PRO B 93 37.61 -26.38 -10.78
C PRO B 93 36.93 -27.75 -10.78
N ASP B 94 37.06 -28.43 -11.92
CA ASP B 94 36.45 -29.74 -12.07
C ASP B 94 37.05 -30.74 -11.09
N ASP B 95 38.36 -30.73 -10.94
CA ASP B 95 39.06 -31.61 -9.99
C ASP B 95 39.26 -30.94 -8.63
N PHE B 96 38.18 -30.38 -8.10
CA PHE B 96 38.25 -29.64 -6.85
C PHE B 96 38.49 -30.58 -5.69
N THR B 97 39.24 -30.10 -4.70
CA THR B 97 39.52 -30.82 -3.46
C THR B 97 39.27 -29.90 -2.28
N GLY B 98 38.70 -30.44 -1.21
CA GLY B 98 38.37 -29.69 -0.02
C GLY B 98 36.90 -29.76 0.28
N CYS B 99 36.53 -29.20 1.42
CA CYS B 99 35.16 -29.25 1.93
C CYS B 99 34.47 -27.91 1.73
N VAL B 100 33.15 -27.91 1.90
CA VAL B 100 32.34 -26.70 1.88
C VAL B 100 31.45 -26.70 3.11
N ILE B 101 31.24 -25.52 3.68
CA ILE B 101 30.43 -25.35 4.87
C ILE B 101 29.41 -24.25 4.60
N ALA B 102 28.14 -24.52 4.91
CA ALA B 102 27.07 -23.58 4.66
C ALA B 102 26.02 -23.71 5.74
N TRP B 103 25.81 -22.64 6.50
CA TRP B 103 24.82 -22.63 7.56
C TRP B 103 23.94 -21.39 7.42
N ASN B 104 22.65 -21.56 7.67
CA ASN B 104 21.71 -20.45 7.58
C ASN B 104 22.08 -19.37 8.60
N SER B 105 22.06 -18.12 8.15
CA SER B 105 22.43 -16.98 8.98
C SER B 105 21.36 -15.89 8.87
N ASN B 106 20.10 -16.29 9.00
CA ASN B 106 19.00 -15.33 8.94
C ASN B 106 19.04 -14.32 10.08
N LYS B 107 19.62 -14.69 11.23
CA LYS B 107 19.61 -13.81 12.39
C LYS B 107 20.68 -12.73 12.34
N LEU B 108 21.58 -12.77 11.36
CA LEU B 108 22.69 -11.83 11.31
C LEU B 108 22.73 -10.98 10.05
N ASP B 109 22.16 -11.44 8.94
CA ASP B 109 22.27 -10.74 7.67
C ASP B 109 20.92 -10.29 7.12
N SER B 110 19.89 -10.23 7.97
CA SER B 110 18.55 -9.88 7.51
C SER B 110 18.05 -8.65 8.25
N LYS B 111 17.51 -7.70 7.50
CA LYS B 111 16.88 -6.52 8.05
C LYS B 111 15.40 -6.52 7.67
N VAL B 112 14.56 -6.00 8.57
CA VAL B 112 13.15 -5.86 8.25
C VAL B 112 12.97 -4.91 7.07
N SER B 113 13.70 -3.80 7.08
CA SER B 113 13.68 -2.89 5.94
C SER B 113 14.25 -3.55 4.69
N GLY B 114 15.36 -4.27 4.85
CA GLY B 114 16.01 -4.92 3.72
C GLY B 114 17.50 -4.67 3.70
N ASN B 115 18.29 -5.73 3.68
CA ASN B 115 19.74 -5.62 3.67
C ASN B 115 20.21 -5.54 2.23
N TYR B 116 20.64 -4.35 1.80
CA TYR B 116 21.04 -4.11 0.42
C TYR B 116 22.55 -4.18 0.22
N ASN B 117 23.31 -4.58 1.23
CA ASN B 117 24.76 -4.58 1.14
C ASN B 117 25.32 -5.81 0.44
N TYR B 118 24.50 -6.83 0.17
CA TYR B 118 24.96 -8.06 -0.45
C TYR B 118 24.51 -8.07 -1.91
N LEU B 119 25.47 -8.05 -2.82
CA LEU B 119 25.21 -7.98 -4.25
C LEU B 119 25.61 -9.29 -4.92
N TYR B 120 25.36 -9.36 -6.22
CA TYR B 120 25.73 -10.52 -7.02
C TYR B 120 25.70 -10.13 -8.49
N ARG B 121 26.72 -10.53 -9.23
CA ARG B 121 26.80 -10.20 -10.65
C ARG B 121 25.75 -11.00 -11.41
N LEU B 122 25.12 -10.35 -12.40
CA LEU B 122 24.07 -10.96 -13.19
C LEU B 122 24.43 -11.14 -14.65
N PHE B 123 25.18 -10.21 -15.24
CA PHE B 123 25.50 -10.24 -16.65
C PHE B 123 27.01 -10.26 -16.85
N ARG B 124 27.46 -11.07 -17.80
CA ARG B 124 28.87 -11.12 -18.17
C ARG B 124 28.98 -11.68 -19.57
N LYS B 125 30.03 -11.25 -20.28
CA LYS B 125 30.21 -11.67 -21.67
C LYS B 125 30.70 -13.11 -21.78
N SER B 126 31.42 -13.61 -20.79
CA SER B 126 31.95 -14.97 -20.83
C SER B 126 31.99 -15.55 -19.43
N ASN B 127 32.03 -16.88 -19.36
CA ASN B 127 32.05 -17.56 -18.08
C ASN B 127 33.39 -17.33 -17.37
N LEU B 128 33.35 -17.40 -16.05
CA LEU B 128 34.55 -17.20 -15.25
C LEU B 128 35.45 -18.43 -15.33
N LYS B 129 36.76 -18.17 -15.33
CA LYS B 129 37.73 -19.24 -15.16
C LYS B 129 37.68 -19.75 -13.73
N PRO B 130 38.15 -20.98 -13.49
CA PRO B 130 38.18 -21.49 -12.11
C PRO B 130 38.95 -20.56 -11.19
N PHE B 131 38.30 -20.16 -10.11
CA PHE B 131 38.89 -19.28 -9.10
C PHE B 131 39.35 -17.95 -9.72
N GLU B 132 38.39 -17.20 -10.25
CA GLU B 132 38.65 -15.89 -10.82
C GLU B 132 37.69 -14.88 -10.22
N ARG B 133 38.22 -13.71 -9.86
CA ARG B 133 37.43 -12.63 -9.28
C ARG B 133 37.34 -11.48 -10.27
N ASP B 134 36.13 -10.98 -10.49
CA ASP B 134 35.89 -9.87 -11.41
C ASP B 134 34.99 -8.86 -10.71
N ILE B 135 35.55 -7.73 -10.30
CA ILE B 135 34.82 -6.70 -9.58
C ILE B 135 34.56 -5.48 -10.45
N SER B 136 34.78 -5.58 -11.75
CA SER B 136 34.48 -4.48 -12.65
C SER B 136 32.98 -4.21 -12.68
N THR B 137 32.63 -2.94 -12.89
CA THR B 137 31.24 -2.49 -12.83
C THR B 137 30.90 -1.68 -14.06
N GLU B 138 31.22 -2.22 -15.23
CA GLU B 138 30.91 -1.55 -16.49
C GLU B 138 29.50 -1.92 -16.97
N ILE B 139 28.97 -1.08 -17.85
CA ILE B 139 27.65 -1.32 -18.42
C ILE B 139 27.73 -2.46 -19.41
N TYR B 140 26.76 -3.37 -19.34
CA TYR B 140 26.72 -4.53 -20.22
C TYR B 140 25.93 -4.21 -21.48
N GLN B 141 26.55 -4.43 -22.64
CA GLN B 141 25.95 -4.16 -23.94
C GLN B 141 25.36 -5.46 -24.47
N ALA B 142 24.04 -5.59 -24.38
CA ALA B 142 23.36 -6.82 -24.79
C ALA B 142 22.86 -6.78 -26.23
N GLY B 143 23.14 -5.71 -26.97
CA GLY B 143 22.68 -5.58 -28.34
C GLY B 143 23.82 -5.22 -29.27
N ASN B 144 23.53 -4.28 -30.17
CA ASN B 144 24.51 -3.80 -31.14
C ASN B 144 24.86 -2.34 -30.96
N LYS B 145 23.92 -1.51 -30.55
CA LYS B 145 24.20 -0.10 -30.33
C LYS B 145 25.12 0.06 -29.13
N PRO B 146 26.24 0.77 -29.27
CA PRO B 146 27.14 0.96 -28.13
C PRO B 146 26.45 1.66 -26.98
N CYS B 147 26.78 1.23 -25.76
CA CYS B 147 26.16 1.82 -24.58
C CYS B 147 26.68 3.22 -24.32
N ASN B 148 27.98 3.45 -24.52
CA ASN B 148 28.62 4.74 -24.28
C ASN B 148 28.51 5.18 -22.82
N GLY B 149 28.27 4.26 -21.91
CA GLY B 149 28.20 4.59 -20.50
C GLY B 149 26.83 4.96 -19.98
N VAL B 150 25.76 4.67 -20.71
CA VAL B 150 24.40 4.97 -20.28
C VAL B 150 23.63 3.68 -20.11
N ALA B 151 22.80 3.62 -19.06
CA ALA B 151 22.03 2.42 -18.75
C ALA B 151 20.61 2.54 -19.30
N GLY B 152 20.52 2.60 -20.61
CA GLY B 152 19.25 2.78 -21.31
C GLY B 152 18.75 1.47 -21.92
N PHE B 153 18.22 1.57 -23.14
CA PHE B 153 17.72 0.41 -23.84
C PHE B 153 18.87 -0.52 -24.22
N ASN B 154 18.69 -1.82 -23.96
CA ASN B 154 19.68 -2.84 -24.29
C ASN B 154 21.04 -2.55 -23.64
N CYS B 155 21.03 -1.86 -22.49
CA CYS B 155 22.25 -1.56 -21.76
C CYS B 155 21.90 -1.64 -20.27
N TYR B 156 22.14 -2.81 -19.69
CA TYR B 156 21.71 -3.10 -18.32
C TYR B 156 22.87 -2.93 -17.35
N PHE B 157 22.51 -2.88 -16.07
CA PHE B 157 23.52 -2.85 -15.02
C PHE B 157 23.85 -4.27 -14.57
N PRO B 158 25.12 -4.66 -14.57
CA PRO B 158 25.46 -6.07 -14.30
C PRO B 158 25.14 -6.54 -12.90
N LEU B 159 24.98 -5.65 -11.93
CA LEU B 159 24.85 -6.04 -10.53
C LEU B 159 23.45 -5.80 -10.00
N ARG B 160 22.96 -6.75 -9.22
CA ARG B 160 21.70 -6.63 -8.50
C ARG B 160 21.99 -6.74 -7.00
N SER B 161 20.94 -6.81 -6.20
CA SER B 161 21.09 -6.83 -4.75
C SER B 161 20.29 -7.96 -4.12
N TYR B 162 20.89 -8.62 -3.13
CA TYR B 162 20.21 -9.62 -2.33
C TYR B 162 19.52 -8.91 -1.16
N SER B 163 18.35 -8.33 -1.44
CA SER B 163 17.63 -7.55 -0.44
C SER B 163 17.01 -8.52 0.57
N PHE B 164 17.84 -8.92 1.53
CA PHE B 164 17.42 -9.92 2.51
C PHE B 164 16.43 -9.34 3.51
N ARG B 165 15.45 -10.15 3.89
CA ARG B 165 14.46 -9.79 4.89
C ARG B 165 14.15 -11.03 5.72
N PRO B 166 13.74 -10.85 6.98
CA PRO B 166 13.43 -12.01 7.83
C PRO B 166 12.11 -12.70 7.49
N THR B 167 11.25 -12.07 6.69
CA THR B 167 9.98 -12.66 6.31
C THR B 167 10.07 -13.47 5.03
N TYR B 168 11.25 -13.57 4.43
CA TYR B 168 11.41 -14.33 3.20
C TYR B 168 11.24 -15.82 3.48
N GLY B 169 11.03 -16.58 2.41
CA GLY B 169 10.94 -18.01 2.54
C GLY B 169 12.25 -18.64 2.95
N VAL B 170 12.21 -19.94 3.18
CA VAL B 170 13.42 -20.66 3.58
C VAL B 170 14.45 -20.61 2.46
N GLY B 171 13.99 -20.68 1.21
CA GLY B 171 14.90 -20.72 0.07
C GLY B 171 15.54 -19.40 -0.31
N HIS B 172 15.09 -18.28 0.24
CA HIS B 172 15.72 -17.00 0.00
C HIS B 172 16.39 -16.39 1.21
N GLN B 173 16.46 -17.09 2.32
CA GLN B 173 17.19 -16.51 3.44
C GLN B 173 18.70 -16.65 3.21
N PRO B 174 19.50 -15.74 3.74
CA PRO B 174 20.94 -15.78 3.47
C PRO B 174 21.59 -17.01 4.06
N TYR B 175 22.64 -17.48 3.39
CA TYR B 175 23.45 -18.60 3.84
C TYR B 175 24.90 -18.22 3.73
N ARG B 176 25.65 -18.37 4.83
CA ARG B 176 27.08 -18.08 4.84
C ARG B 176 27.85 -19.32 4.41
N VAL B 177 28.81 -19.14 3.50
CA VAL B 177 29.52 -20.24 2.88
C VAL B 177 31.01 -20.05 3.08
N VAL B 178 31.70 -21.10 3.52
CA VAL B 178 33.15 -21.11 3.65
C VAL B 178 33.68 -22.33 2.93
N VAL B 179 34.61 -22.11 2.00
CA VAL B 179 35.15 -23.17 1.17
C VAL B 179 36.64 -23.32 1.48
N LEU B 180 37.03 -24.52 1.91
CA LEU B 180 38.43 -24.83 2.19
C LEU B 180 39.02 -25.54 0.99
N SER B 181 40.23 -25.13 0.60
CA SER B 181 40.90 -25.66 -0.58
C SER B 181 42.27 -26.21 -0.18
N PHE B 182 42.31 -27.48 0.21
CA PHE B 182 43.57 -28.13 0.53
C PHE B 182 44.34 -28.41 -0.74
N GLU B 183 45.54 -28.99 -0.59
CA GLU B 183 46.36 -29.37 -1.73
C GLU B 183 47.53 -30.20 -1.22
N LEU B 184 48.21 -30.85 -2.15
CA LEU B 184 49.46 -31.56 -1.89
C LEU B 184 50.49 -31.11 -2.91
N LEU B 185 51.65 -30.67 -2.43
CA LEU B 185 52.69 -30.10 -3.28
C LEU B 185 54.00 -30.85 -3.05
N HIS B 186 55.06 -30.37 -3.70
CA HIS B 186 56.39 -30.94 -3.51
C HIS B 186 57.01 -30.50 -2.19
N ALA B 187 56.72 -29.28 -1.75
CA ALA B 187 57.18 -28.81 -0.46
C ALA B 187 56.50 -29.61 0.66
N PRO B 188 57.17 -29.79 1.80
CA PRO B 188 56.57 -30.61 2.85
C PRO B 188 55.50 -29.85 3.63
N ALA B 189 54.75 -30.60 4.43
CA ALA B 189 53.55 -30.05 5.05
C ALA B 189 53.89 -28.90 5.98
N THR B 190 53.09 -27.84 5.88
CA THR B 190 53.19 -26.70 6.79
C THR B 190 52.03 -26.63 7.77
N VAL B 191 50.91 -27.30 7.47
CA VAL B 191 49.77 -27.38 8.37
C VAL B 191 49.45 -28.85 8.60
N CYS B 192 49.57 -29.29 9.84
CA CYS B 192 49.31 -30.67 10.22
C CYS B 192 48.38 -30.71 11.42
N GLY B 193 47.39 -31.59 11.38
CA GLY B 193 46.54 -31.82 12.52
C GLY B 193 47.25 -32.63 13.57
N PRO B 194 46.60 -32.81 14.74
CA PRO B 194 47.17 -33.55 15.88
C PRO B 194 47.47 -35.01 15.56
N ASP C 1 -12.83 20.95 -16.09
CA ASP C 1 -13.66 21.00 -17.28
C ASP C 1 -12.80 21.08 -18.54
N ILE C 2 -12.13 19.97 -18.86
CA ILE C 2 -11.29 19.93 -20.05
C ILE C 2 -12.17 20.07 -21.29
N GLN C 3 -11.82 21.03 -22.14
CA GLN C 3 -12.61 21.36 -23.31
C GLN C 3 -12.17 20.52 -24.51
N MET C 4 -13.12 19.88 -25.16
CA MET C 4 -12.87 19.07 -26.34
C MET C 4 -13.36 19.80 -27.58
N THR C 5 -12.54 19.80 -28.62
CA THR C 5 -12.88 20.45 -29.88
C THR C 5 -12.82 19.42 -30.99
N GLN C 6 -13.85 19.40 -31.83
CA GLN C 6 -13.94 18.47 -32.94
C GLN C 6 -13.93 19.23 -34.26
N SER C 7 -13.12 18.77 -35.21
CA SER C 7 -12.98 19.40 -36.50
C SER C 7 -12.74 18.35 -37.56
N PRO C 8 -13.31 18.51 -38.77
CA PRO C 8 -14.20 19.61 -39.14
C PRO C 8 -15.64 19.38 -38.70
N SER C 9 -16.40 20.46 -38.53
CA SER C 9 -17.81 20.31 -38.16
C SER C 9 -18.68 19.97 -39.37
N THR C 10 -18.15 20.14 -40.58
CA THR C 10 -18.82 19.73 -41.80
C THR C 10 -17.87 18.86 -42.62
N LEU C 11 -18.30 17.64 -42.92
CA LEU C 11 -17.48 16.69 -43.64
C LEU C 11 -18.34 15.86 -44.57
N SER C 12 -17.87 15.69 -45.81
CA SER C 12 -18.56 14.89 -46.81
C SER C 12 -17.54 14.06 -47.57
N ALA C 13 -17.99 12.92 -48.07
CA ALA C 13 -17.10 12.00 -48.78
C ALA C 13 -17.92 11.23 -49.80
N SER C 14 -17.37 10.12 -50.29
CA SER C 14 -18.03 9.29 -51.29
C SER C 14 -18.14 7.86 -50.77
N VAL C 15 -18.94 7.06 -51.48
CA VAL C 15 -19.15 5.68 -51.09
C VAL C 15 -17.94 4.84 -51.49
N GLY C 16 -17.38 4.10 -50.53
CA GLY C 16 -16.16 3.36 -50.73
C GLY C 16 -14.90 4.14 -50.44
N ASP C 17 -15.02 5.42 -50.12
CA ASP C 17 -13.89 6.28 -49.82
C ASP C 17 -13.33 5.94 -48.43
N ARG C 18 -12.35 6.73 -47.99
CA ARG C 18 -11.82 6.63 -46.64
C ARG C 18 -11.95 7.98 -45.95
N VAL C 19 -12.39 7.97 -44.70
CA VAL C 19 -12.66 9.18 -43.94
C VAL C 19 -11.86 9.15 -42.65
N THR C 20 -11.35 10.32 -42.26
CA THR C 20 -10.62 10.49 -41.01
C THR C 20 -11.13 11.73 -40.30
N ILE C 21 -11.25 11.63 -38.97
CA ILE C 21 -11.72 12.72 -38.12
C ILE C 21 -10.77 12.85 -36.94
N THR C 22 -10.45 14.09 -36.59
CA THR C 22 -9.57 14.39 -35.47
C THR C 22 -10.39 14.91 -34.30
N CYS C 23 -9.77 14.89 -33.11
CA CYS C 23 -10.46 15.27 -31.88
C CYS C 23 -9.41 15.73 -30.89
N ARG C 24 -9.39 17.03 -30.60
CA ARG C 24 -8.34 17.63 -29.79
C ARG C 24 -8.90 18.08 -28.45
N ALA C 25 -8.10 17.93 -27.40
CA ALA C 25 -8.44 18.35 -26.05
C ALA C 25 -7.70 19.63 -25.69
N SER C 26 -7.88 20.07 -24.45
CA SER C 26 -7.21 21.26 -23.95
C SER C 26 -6.02 20.91 -23.05
N GLN C 27 -6.13 19.84 -22.28
CA GLN C 27 -5.05 19.38 -21.41
C GLN C 27 -4.73 17.92 -21.74
N SER C 28 -3.86 17.32 -20.94
CA SER C 28 -3.51 15.93 -21.12
C SER C 28 -4.55 15.04 -20.44
N ILE C 29 -5.18 14.18 -21.24
CA ILE C 29 -6.23 13.29 -20.74
C ILE C 29 -5.78 11.83 -20.75
N SER C 30 -4.47 11.61 -20.78
CA SER C 30 -3.89 10.25 -20.81
C SER C 30 -4.45 9.54 -22.04
N SER C 31 -4.96 8.32 -21.92
CA SER C 31 -5.51 7.59 -23.05
C SER C 31 -6.97 7.23 -22.85
N TRP C 32 -7.73 8.12 -22.21
CA TRP C 32 -9.15 7.91 -21.96
C TRP C 32 -9.95 8.76 -22.94
N LEU C 33 -10.62 8.11 -23.87
CA LEU C 33 -11.49 8.78 -24.82
C LEU C 33 -12.47 7.77 -25.38
N ALA C 34 -13.55 8.27 -25.99
CA ALA C 34 -14.59 7.42 -26.53
C ALA C 34 -15.19 8.06 -27.77
N TRP C 35 -15.85 7.25 -28.57
CA TRP C 35 -16.50 7.71 -29.79
C TRP C 35 -17.87 7.07 -29.92
N TYR C 36 -18.91 7.90 -30.01
CA TYR C 36 -20.27 7.43 -30.24
C TYR C 36 -20.75 7.96 -31.59
N GLN C 37 -21.69 7.25 -32.20
CA GLN C 37 -22.34 7.76 -33.39
C GLN C 37 -23.85 7.70 -33.18
N GLN C 38 -24.54 8.80 -33.48
CA GLN C 38 -25.96 8.94 -33.21
C GLN C 38 -26.69 9.17 -34.53
N LYS C 39 -27.37 8.14 -35.01
CA LYS C 39 -28.18 8.29 -36.20
C LYS C 39 -29.36 9.22 -35.89
N PRO C 40 -29.71 10.13 -36.81
CA PRO C 40 -30.75 11.11 -36.50
C PRO C 40 -32.08 10.46 -36.19
N GLY C 41 -32.59 10.72 -34.99
CA GLY C 41 -33.83 10.16 -34.52
C GLY C 41 -33.70 8.98 -33.58
N LYS C 42 -32.51 8.39 -33.48
CA LYS C 42 -32.26 7.21 -32.66
C LYS C 42 -31.35 7.58 -31.49
N ALA C 43 -30.95 6.57 -30.73
CA ALA C 43 -30.06 6.70 -29.59
C ALA C 43 -28.62 6.40 -30.00
N PRO C 44 -27.63 6.99 -29.34
CA PRO C 44 -26.24 6.72 -29.68
C PRO C 44 -25.81 5.32 -29.25
N LYS C 45 -24.74 4.85 -29.87
CA LYS C 45 -24.11 3.58 -29.53
C LYS C 45 -22.60 3.75 -29.49
N LEU C 46 -21.97 3.17 -28.49
CA LEU C 46 -20.53 3.26 -28.35
C LEU C 46 -19.83 2.57 -29.51
N LEU C 47 -18.74 3.18 -29.99
CA LEU C 47 -17.95 2.61 -31.07
C LEU C 47 -16.55 2.23 -30.63
N ILE C 48 -15.83 3.14 -29.99
CA ILE C 48 -14.46 2.91 -29.54
C ILE C 48 -14.29 3.53 -28.17
N TYR C 49 -13.61 2.82 -27.26
CA TYR C 49 -13.28 3.35 -25.95
C TYR C 49 -11.80 3.10 -25.67
N LYS C 50 -11.26 3.92 -24.78
CA LYS C 50 -9.82 4.01 -24.50
C LYS C 50 -9.02 4.51 -25.70
N ALA C 51 -9.71 5.04 -26.71
CA ALA C 51 -9.13 5.63 -27.92
C ALA C 51 -8.51 4.59 -28.84
N SER C 52 -8.41 3.35 -28.40
CA SER C 52 -7.90 2.30 -29.26
C SER C 52 -8.78 1.07 -29.29
N SER C 53 -9.37 0.67 -28.17
CA SER C 53 -10.12 -0.57 -28.10
C SER C 53 -11.48 -0.40 -28.79
N LEU C 54 -11.83 -1.37 -29.63
CA LEU C 54 -13.08 -1.33 -30.38
C LEU C 54 -14.13 -2.14 -29.64
N GLU C 55 -15.25 -1.49 -29.34
CA GLU C 55 -16.33 -2.14 -28.59
C GLU C 55 -16.96 -3.26 -29.41
N SER C 56 -17.18 -4.40 -28.75
CA SER C 56 -17.60 -5.61 -29.45
C SER C 56 -18.95 -5.45 -30.10
N GLY C 57 -19.11 -6.03 -31.29
CA GLY C 57 -20.32 -5.92 -32.07
C GLY C 57 -20.28 -4.85 -33.14
N VAL C 58 -19.37 -3.88 -33.02
CA VAL C 58 -19.16 -2.87 -34.05
C VAL C 58 -18.40 -3.53 -35.20
N PRO C 59 -18.78 -3.28 -36.46
CA PRO C 59 -18.02 -3.85 -37.57
C PRO C 59 -16.54 -3.51 -37.50
N SER C 60 -15.74 -4.33 -38.17
CA SER C 60 -14.29 -4.22 -38.09
C SER C 60 -13.72 -3.03 -38.86
N ARG C 61 -14.49 -2.45 -39.78
CA ARG C 61 -13.96 -1.37 -40.61
C ARG C 61 -13.62 -0.12 -39.81
N PHE C 62 -14.21 0.06 -38.63
CA PHE C 62 -13.90 1.22 -37.81
C PHE C 62 -12.51 1.08 -37.20
N SER C 63 -11.90 2.22 -36.87
CA SER C 63 -10.56 2.22 -36.31
C SER C 63 -10.32 3.54 -35.61
N GLY C 64 -9.50 3.49 -34.55
CA GLY C 64 -9.13 4.70 -33.82
C GLY C 64 -7.71 4.59 -33.31
N SER C 65 -7.11 5.76 -33.07
CA SER C 65 -5.74 5.82 -32.60
C SER C 65 -5.49 7.17 -31.95
N GLY C 66 -4.61 7.18 -30.95
CA GLY C 66 -4.24 8.41 -30.28
C GLY C 66 -3.44 8.17 -29.01
N SER C 67 -2.63 9.14 -28.61
CA SER C 67 -1.82 9.02 -27.40
C SER C 67 -2.15 10.08 -26.37
N GLY C 68 -2.23 11.34 -26.77
CA GLY C 68 -2.61 12.40 -25.85
C GLY C 68 -2.84 13.72 -26.56
N THR C 69 -3.99 14.34 -26.31
CA THR C 69 -4.41 15.64 -26.82
C THR C 69 -4.66 15.61 -28.33
N GLU C 70 -4.39 14.49 -29.01
CA GLU C 70 -4.64 14.36 -30.44
C GLU C 70 -5.11 12.94 -30.71
N PHE C 71 -6.38 12.79 -31.08
CA PHE C 71 -6.98 11.49 -31.33
C PHE C 71 -7.68 11.51 -32.67
N THR C 72 -7.66 10.36 -33.35
CA THR C 72 -8.23 10.24 -34.69
C THR C 72 -9.11 9.01 -34.79
N LEU C 73 -10.15 9.12 -35.62
CA LEU C 73 -11.01 7.99 -35.97
C LEU C 73 -11.03 7.86 -37.49
N THR C 74 -10.81 6.65 -37.98
CA THR C 74 -10.75 6.38 -39.41
C THR C 74 -11.65 5.20 -39.75
N ILE C 75 -12.51 5.39 -40.75
CA ILE C 75 -13.37 4.33 -41.25
C ILE C 75 -12.85 3.94 -42.62
N SER C 76 -12.55 2.65 -42.81
CA SER C 76 -11.94 2.20 -44.05
C SER C 76 -12.93 2.24 -45.21
N SER C 77 -14.05 1.53 -45.09
CA SER C 77 -15.05 1.45 -46.15
C SER C 77 -16.31 2.17 -45.67
N LEU C 78 -16.81 3.10 -46.49
CA LEU C 78 -18.05 3.77 -46.17
C LEU C 78 -19.24 2.93 -46.58
N GLN C 79 -20.25 2.91 -45.72
CA GLN C 79 -21.45 2.09 -45.84
C GLN C 79 -22.65 3.00 -45.61
N PRO C 80 -23.82 2.62 -46.14
CA PRO C 80 -25.02 3.44 -45.86
C PRO C 80 -25.36 3.55 -44.39
N ASP C 81 -24.84 2.66 -43.55
CA ASP C 81 -25.03 2.75 -42.11
C ASP C 81 -24.15 3.82 -41.46
N ASP C 82 -23.14 4.31 -42.17
CA ASP C 82 -22.09 5.12 -41.55
C ASP C 82 -22.38 6.62 -41.54
N PHE C 83 -23.53 7.07 -42.06
CA PHE C 83 -23.82 8.50 -42.13
C PHE C 83 -24.60 8.92 -40.89
N ALA C 84 -23.89 9.39 -39.88
CA ALA C 84 -24.51 9.91 -38.66
C ALA C 84 -23.56 10.94 -38.06
N THR C 85 -23.83 11.35 -36.83
CA THR C 85 -23.04 12.35 -36.12
C THR C 85 -22.19 11.65 -35.07
N TYR C 86 -20.91 12.02 -35.01
CA TYR C 86 -19.94 11.36 -34.17
C TYR C 86 -19.41 12.31 -33.10
N TYR C 87 -19.31 11.81 -31.87
CA TYR C 87 -18.96 12.63 -30.71
C TYR C 87 -17.79 12.02 -29.96
N CYS C 88 -17.02 12.89 -29.31
CA CYS C 88 -15.96 12.47 -28.40
C CYS C 88 -16.48 12.51 -26.96
N GLN C 89 -15.68 11.92 -26.05
CA GLN C 89 -15.93 12.06 -24.63
C GLN C 89 -14.70 11.61 -23.85
N GLN C 90 -14.19 12.47 -22.98
CA GLN C 90 -13.06 12.13 -22.13
C GLN C 90 -13.56 11.83 -20.72
N TYR C 91 -12.93 10.87 -20.07
CA TYR C 91 -13.31 10.50 -18.69
C TYR C 91 -12.07 10.40 -17.81
N ASN C 92 -11.19 11.39 -17.93
CA ASN C 92 -10.12 11.62 -16.98
C ASN C 92 -10.38 12.98 -16.32
N SER C 93 -10.34 13.00 -14.98
CA SER C 93 -10.77 14.15 -14.18
C SER C 93 -12.27 14.36 -14.33
N TYR C 94 -12.92 14.88 -13.29
CA TYR C 94 -14.36 14.85 -13.23
C TYR C 94 -14.96 15.83 -14.25
N SER C 95 -16.29 15.84 -14.32
CA SER C 95 -17.04 16.58 -15.34
C SER C 95 -16.63 16.12 -16.74
N HIS C 96 -16.93 14.86 -17.03
CA HIS C 96 -16.58 14.25 -18.31
C HIS C 96 -17.36 14.94 -19.41
N THR C 97 -16.70 15.79 -20.18
CA THR C 97 -17.35 16.61 -21.19
C THR C 97 -17.52 15.82 -22.48
N PHE C 98 -18.17 16.46 -23.44
CA PHE C 98 -18.40 15.91 -24.77
C PHE C 98 -17.80 16.84 -25.83
N GLY C 99 -18.04 16.51 -27.09
CA GLY C 99 -17.60 17.30 -28.22
C GLY C 99 -18.76 17.96 -28.95
N GLN C 100 -18.40 18.80 -29.92
CA GLN C 100 -19.40 19.50 -30.70
C GLN C 100 -20.15 18.54 -31.63
N GLY C 101 -19.44 17.58 -32.22
CA GLY C 101 -20.07 16.63 -33.12
C GLY C 101 -19.87 16.95 -34.58
N THR C 102 -19.59 15.93 -35.38
CA THR C 102 -19.33 16.09 -36.81
C THR C 102 -20.46 15.46 -37.61
N LYS C 103 -20.95 16.19 -38.61
CA LYS C 103 -22.04 15.74 -39.46
C LYS C 103 -21.48 15.14 -40.74
N LEU C 104 -21.98 13.95 -41.11
CA LEU C 104 -21.60 13.27 -42.34
C LEU C 104 -22.80 13.23 -43.27
N GLU C 105 -22.56 13.44 -44.56
CA GLU C 105 -23.64 13.45 -45.53
C GLU C 105 -23.10 13.01 -46.89
N ILE C 106 -24.02 12.53 -47.73
CA ILE C 106 -23.65 12.03 -49.05
C ILE C 106 -23.30 13.20 -49.96
N LYS C 107 -22.35 12.98 -50.86
CA LYS C 107 -21.93 13.99 -51.83
C LYS C 107 -22.91 14.00 -52.98
N ARG C 108 -23.79 15.00 -53.00
CA ARG C 108 -24.78 15.13 -54.07
C ARG C 108 -24.12 15.64 -55.35
N GLN D 1 -29.22 -9.06 -26.13
CA GLN D 1 -29.09 -9.58 -24.77
C GLN D 1 -29.75 -8.66 -23.77
N VAL D 2 -29.23 -7.46 -23.63
CA VAL D 2 -29.71 -6.49 -22.65
C VAL D 2 -30.63 -5.50 -23.34
N GLN D 3 -31.77 -5.21 -22.69
CA GLN D 3 -32.74 -4.26 -23.20
C GLN D 3 -33.11 -3.28 -22.09
N LEU D 4 -33.33 -2.02 -22.46
CA LEU D 4 -33.69 -0.97 -21.51
C LEU D 4 -34.91 -0.23 -22.03
N VAL D 5 -35.79 0.16 -21.11
CA VAL D 5 -36.99 0.93 -21.44
C VAL D 5 -37.12 2.07 -20.45
N GLN D 6 -37.42 3.26 -20.96
CA GLN D 6 -37.64 4.44 -20.16
C GLN D 6 -39.12 4.82 -20.18
N SER D 7 -39.47 5.84 -19.40
CA SER D 7 -40.85 6.28 -19.27
C SER D 7 -41.27 7.04 -20.53
N GLY D 8 -42.47 7.61 -20.52
CA GLY D 8 -43.02 8.29 -21.66
C GLY D 8 -42.78 9.80 -21.63
N ALA D 9 -43.58 10.50 -22.43
CA ALA D 9 -43.49 11.95 -22.50
C ALA D 9 -43.89 12.57 -21.17
N GLU D 10 -43.16 13.62 -20.78
CA GLU D 10 -43.41 14.26 -19.49
C GLU D 10 -43.48 15.77 -19.68
N VAL D 11 -44.48 16.39 -19.08
CA VAL D 11 -44.69 17.84 -19.12
C VAL D 11 -44.92 18.34 -17.70
N LYS D 12 -44.29 19.46 -17.37
CA LYS D 12 -44.36 19.97 -16.00
C LYS D 12 -44.17 21.49 -16.01
N LYS D 13 -44.66 22.14 -14.96
CA LYS D 13 -44.60 23.58 -14.80
C LYS D 13 -43.20 24.02 -14.37
N PRO D 14 -42.83 25.29 -14.65
CA PRO D 14 -41.47 25.74 -14.30
C PRO D 14 -41.17 25.68 -12.80
N GLY D 15 -42.17 25.91 -11.95
CA GLY D 15 -41.94 25.87 -10.52
C GLY D 15 -42.21 24.52 -9.89
N SER D 16 -41.48 23.49 -10.31
CA SER D 16 -41.67 22.16 -9.77
C SER D 16 -40.40 21.35 -10.02
N SER D 17 -40.48 20.06 -9.71
CA SER D 17 -39.36 19.14 -9.88
C SER D 17 -39.82 17.89 -10.59
N VAL D 18 -38.89 17.26 -11.31
CA VAL D 18 -39.18 16.07 -12.11
C VAL D 18 -38.36 14.91 -11.60
N LYS D 19 -38.98 13.73 -11.57
CA LYS D 19 -38.29 12.47 -11.31
C LYS D 19 -38.61 11.52 -12.45
N VAL D 20 -37.58 10.90 -13.02
CA VAL D 20 -37.74 9.98 -14.14
C VAL D 20 -37.05 8.68 -13.81
N SER D 21 -37.67 7.57 -14.19
CA SER D 21 -37.22 6.23 -13.83
C SER D 21 -36.65 5.51 -15.05
N CYS D 22 -35.52 4.85 -14.85
CA CYS D 22 -34.88 4.02 -15.86
C CYS D 22 -34.89 2.58 -15.39
N LYS D 23 -35.31 1.67 -16.27
CA LYS D 23 -35.42 0.26 -15.94
C LYS D 23 -34.37 -0.53 -16.71
N ALA D 24 -33.66 -1.41 -16.02
CA ALA D 24 -32.65 -2.26 -16.61
C ALA D 24 -33.14 -3.70 -16.63
N SER D 25 -32.79 -4.43 -17.69
CA SER D 25 -33.22 -5.82 -17.84
C SER D 25 -32.11 -6.60 -18.51
N GLY D 26 -31.49 -7.53 -17.78
CA GLY D 26 -30.48 -8.40 -18.34
C GLY D 26 -29.12 -8.25 -17.70
N GLY D 27 -28.41 -9.36 -17.56
CA GLY D 27 -27.07 -9.34 -17.02
C GLY D 27 -27.03 -9.23 -15.50
N THR D 28 -25.84 -9.38 -14.96
CA THR D 28 -25.64 -9.21 -13.53
C THR D 28 -25.86 -7.75 -13.12
N PHE D 29 -26.40 -7.55 -11.93
CA PHE D 29 -26.69 -6.21 -11.45
C PHE D 29 -25.65 -5.69 -10.46
N SER D 30 -24.72 -6.53 -10.02
CA SER D 30 -23.69 -6.13 -9.09
C SER D 30 -22.46 -5.55 -9.78
N SER D 31 -22.43 -5.57 -11.11
CA SER D 31 -21.31 -5.04 -11.88
C SER D 31 -21.68 -3.81 -12.71
N TYR D 32 -22.83 -3.19 -12.44
CA TYR D 32 -23.36 -2.13 -13.28
C TYR D 32 -23.26 -0.78 -12.57
N SER D 33 -23.02 0.26 -13.36
CA SER D 33 -23.02 1.64 -12.89
C SER D 33 -23.85 2.48 -13.83
N PHE D 34 -24.74 3.29 -13.27
CA PHE D 34 -25.74 4.01 -14.05
C PHE D 34 -25.27 5.44 -14.31
N ILE D 35 -25.43 5.90 -15.55
CA ILE D 35 -25.04 7.22 -15.98
C ILE D 35 -26.21 7.87 -16.70
N TRP D 36 -26.42 9.17 -16.46
CA TRP D 36 -27.51 9.90 -17.09
C TRP D 36 -26.95 11.07 -17.90
N VAL D 37 -27.52 11.26 -19.09
CA VAL D 37 -27.01 12.22 -20.07
C VAL D 37 -28.19 12.98 -20.67
N ARG D 38 -28.02 14.28 -20.86
CA ARG D 38 -29.05 15.16 -21.39
C ARG D 38 -28.69 15.61 -22.80
N GLN D 39 -29.69 15.67 -23.68
CA GLN D 39 -29.51 16.14 -25.04
C GLN D 39 -30.63 17.12 -25.37
N ALA D 40 -30.29 18.40 -25.43
CA ALA D 40 -31.25 19.44 -25.75
C ALA D 40 -31.56 19.43 -27.25
N PRO D 41 -32.70 20.02 -27.67
CA PRO D 41 -33.02 20.01 -29.10
C PRO D 41 -32.02 20.76 -29.96
N GLY D 42 -31.37 21.79 -29.44
CA GLY D 42 -30.50 22.61 -30.25
C GLY D 42 -29.04 22.62 -29.84
N GLN D 43 -28.51 21.48 -29.43
CA GLN D 43 -27.10 21.37 -29.09
C GLN D 43 -26.70 19.89 -29.15
N GLY D 44 -25.52 19.58 -28.62
CA GLY D 44 -25.03 18.23 -28.54
C GLY D 44 -25.30 17.59 -27.19
N LEU D 45 -24.65 16.47 -26.95
CA LEU D 45 -24.83 15.73 -25.70
C LEU D 45 -24.12 16.43 -24.56
N GLU D 46 -24.75 16.43 -23.39
CA GLU D 46 -24.17 17.00 -22.17
C GLU D 46 -24.27 16.00 -21.03
N TRP D 47 -23.31 16.07 -20.13
CA TRP D 47 -23.13 15.09 -19.06
C TRP D 47 -23.63 15.66 -17.73
N MET D 48 -24.21 14.80 -16.90
CA MET D 48 -24.61 15.18 -15.55
C MET D 48 -23.79 14.48 -14.48
N GLY D 49 -23.78 13.16 -14.45
CA GLY D 49 -23.11 12.47 -13.37
C GLY D 49 -23.18 10.97 -13.53
N ARG D 50 -22.43 10.29 -12.67
CA ARG D 50 -22.33 8.84 -12.64
C ARG D 50 -22.51 8.34 -11.21
N ILE D 51 -23.19 7.21 -11.05
CA ILE D 51 -23.35 6.58 -9.75
C ILE D 51 -22.92 5.13 -9.85
N ILE D 52 -22.43 4.60 -8.74
CA ILE D 52 -22.11 3.18 -8.61
C ILE D 52 -22.90 2.64 -7.42
N PRO D 53 -24.07 2.06 -7.66
CA PRO D 53 -24.92 1.66 -6.53
C PRO D 53 -24.28 0.62 -5.61
N ILE D 54 -23.48 -0.29 -6.16
CA ILE D 54 -22.91 -1.37 -5.35
C ILE D 54 -21.89 -0.82 -4.37
N LEU D 55 -20.95 0.00 -4.88
CA LEU D 55 -19.86 0.51 -4.06
C LEU D 55 -20.16 1.87 -3.45
N GLY D 56 -21.30 2.48 -3.78
CA GLY D 56 -21.72 3.71 -3.14
C GLY D 56 -20.88 4.93 -3.42
N ILE D 57 -20.48 5.16 -4.67
CA ILE D 57 -19.88 6.41 -5.10
C ILE D 57 -20.82 7.06 -6.12
N ALA D 58 -21.23 8.28 -5.83
CA ALA D 58 -22.10 9.04 -6.70
C ALA D 58 -21.56 10.45 -6.84
N ASN D 59 -21.58 10.98 -8.07
CA ASN D 59 -21.07 12.31 -8.33
C ASN D 59 -21.90 12.95 -9.43
N TYR D 60 -22.01 14.27 -9.39
CA TYR D 60 -22.80 15.01 -10.36
C TYR D 60 -21.97 16.16 -10.94
N ALA D 61 -22.51 16.77 -11.99
CA ALA D 61 -21.87 17.93 -12.59
C ALA D 61 -21.87 19.10 -11.61
N GLN D 62 -20.86 19.97 -11.75
CA GLN D 62 -20.74 21.11 -10.85
C GLN D 62 -21.95 22.04 -10.97
N LYS D 63 -22.47 22.22 -12.18
CA LYS D 63 -23.63 23.07 -12.37
C LYS D 63 -24.85 22.51 -11.64
N PHE D 64 -25.03 21.19 -11.67
CA PHE D 64 -26.22 20.55 -11.14
C PHE D 64 -26.10 20.16 -9.68
N GLN D 65 -25.02 20.55 -9.01
CA GLN D 65 -24.86 20.22 -7.60
C GLN D 65 -26.00 20.81 -6.78
N GLY D 66 -26.59 19.99 -5.93
CA GLY D 66 -27.74 20.40 -5.15
C GLY D 66 -29.05 20.41 -5.92
N ARG D 67 -29.05 19.96 -7.17
CA ARG D 67 -30.24 19.99 -8.00
C ARG D 67 -30.59 18.66 -8.65
N VAL D 68 -29.65 17.72 -8.75
CA VAL D 68 -29.89 16.42 -9.38
C VAL D 68 -29.55 15.33 -8.38
N THR D 69 -30.46 14.38 -8.20
CA THR D 69 -30.23 13.21 -7.37
C THR D 69 -30.49 11.97 -8.20
N ILE D 70 -29.55 11.02 -8.17
CA ILE D 70 -29.69 9.75 -8.88
C ILE D 70 -29.51 8.63 -7.86
N THR D 71 -30.49 7.73 -7.81
CA THR D 71 -30.45 6.62 -6.86
C THR D 71 -31.12 5.41 -7.51
N ALA D 72 -30.69 4.22 -7.10
CA ALA D 72 -31.21 2.99 -7.66
C ALA D 72 -31.44 1.97 -6.54
N ASP D 73 -32.29 1.00 -6.82
CA ASP D 73 -32.58 -0.09 -5.91
C ASP D 73 -32.06 -1.40 -6.50
N LYS D 74 -31.30 -2.15 -5.71
CA LYS D 74 -30.69 -3.38 -6.22
C LYS D 74 -31.75 -4.42 -6.56
N SER D 75 -32.82 -4.51 -5.77
CA SER D 75 -33.84 -5.53 -6.01
C SER D 75 -34.71 -5.18 -7.21
N THR D 76 -35.11 -3.92 -7.32
CA THR D 76 -36.01 -3.52 -8.41
C THR D 76 -35.32 -3.53 -9.77
N THR D 77 -33.98 -3.47 -9.79
CA THR D 77 -33.21 -3.42 -11.03
C THR D 77 -33.62 -2.25 -11.90
N THR D 78 -33.83 -1.09 -11.27
CA THR D 78 -34.21 0.14 -11.95
C THR D 78 -33.32 1.27 -11.48
N ALA D 79 -33.39 2.39 -12.19
CA ALA D 79 -32.63 3.59 -11.85
C ALA D 79 -33.55 4.80 -11.88
N TYR D 80 -33.22 5.80 -11.07
CA TYR D 80 -34.04 6.98 -10.91
C TYR D 80 -33.20 8.24 -11.06
N MET D 81 -33.74 9.21 -11.79
CA MET D 81 -33.10 10.52 -11.97
C MET D 81 -34.10 11.59 -11.59
N GLU D 82 -33.71 12.50 -10.71
CA GLU D 82 -34.58 13.55 -10.21
C GLU D 82 -33.92 14.91 -10.39
N LEU D 83 -34.68 15.86 -10.95
CA LEU D 83 -34.21 17.20 -11.18
C LEU D 83 -35.17 18.19 -10.51
N SER D 84 -34.61 19.17 -9.82
CA SER D 84 -35.38 20.12 -9.02
C SER D 84 -35.16 21.53 -9.54
N SER D 85 -36.15 22.40 -9.27
CA SER D 85 -36.11 23.82 -9.62
C SER D 85 -35.88 24.00 -11.12
N LEU D 86 -36.88 23.56 -11.88
CA LEU D 86 -36.82 23.62 -13.33
C LEU D 86 -36.75 25.06 -13.82
N ARG D 87 -36.17 25.24 -15.01
CA ARG D 87 -36.13 26.52 -15.68
C ARG D 87 -36.61 26.33 -17.11
N SER D 88 -36.90 27.45 -17.78
CA SER D 88 -37.46 27.39 -19.13
C SER D 88 -36.48 26.81 -20.14
N GLU D 89 -35.19 26.77 -19.82
CA GLU D 89 -34.18 26.22 -20.72
C GLU D 89 -33.90 24.74 -20.44
N ASP D 90 -34.58 24.14 -19.47
CA ASP D 90 -34.31 22.77 -19.08
C ASP D 90 -34.99 21.74 -19.97
N THR D 91 -35.89 22.16 -20.85
CA THR D 91 -36.53 21.22 -21.77
C THR D 91 -35.49 20.57 -22.68
N ALA D 92 -35.54 19.24 -22.79
CA ALA D 92 -34.52 18.50 -23.52
C ALA D 92 -34.99 17.06 -23.65
N VAL D 93 -34.13 16.21 -24.20
CA VAL D 93 -34.33 14.77 -24.27
C VAL D 93 -33.29 14.13 -23.37
N TYR D 94 -33.75 13.31 -22.43
CA TYR D 94 -32.89 12.75 -21.39
C TYR D 94 -32.68 11.27 -21.65
N TYR D 95 -31.41 10.85 -21.66
CA TYR D 95 -31.04 9.50 -22.03
C TYR D 95 -30.45 8.76 -20.83
N CYS D 96 -30.75 7.47 -20.75
CA CYS D 96 -30.26 6.61 -19.68
C CYS D 96 -29.22 5.66 -20.24
N ALA D 97 -28.01 5.71 -19.71
CA ALA D 97 -26.91 4.87 -20.16
C ALA D 97 -26.30 4.15 -18.96
N ARG D 98 -25.50 3.13 -19.23
CA ARG D 98 -24.94 2.31 -18.17
C ARG D 98 -23.57 1.78 -18.56
N GLY D 99 -22.67 1.76 -17.58
CA GLY D 99 -21.34 1.22 -17.78
C GLY D 99 -21.29 -0.28 -17.56
N THR D 100 -20.08 -0.77 -17.35
CA THR D 100 -19.85 -2.20 -17.11
C THR D 100 -18.47 -2.36 -16.50
N GLU D 101 -18.40 -3.23 -15.48
CA GLU D 101 -17.13 -3.43 -14.78
C GLU D 101 -16.06 -3.98 -15.72
N TYR D 102 -16.42 -4.95 -16.56
CA TYR D 102 -15.46 -5.51 -17.51
C TYR D 102 -15.07 -4.51 -18.58
N GLY D 103 -15.93 -3.54 -18.87
CA GLY D 103 -15.55 -2.45 -19.72
C GLY D 103 -15.01 -1.31 -18.88
N ASP D 104 -15.72 -0.19 -18.81
CA ASP D 104 -15.36 0.88 -17.91
C ASP D 104 -16.62 1.41 -17.23
N TYR D 105 -16.47 1.80 -15.96
CA TYR D 105 -17.60 2.34 -15.22
C TYR D 105 -18.01 3.72 -15.71
N ASP D 106 -17.21 4.36 -16.55
CA ASP D 106 -17.47 5.74 -16.97
C ASP D 106 -17.98 5.86 -18.39
N VAL D 107 -17.75 4.86 -19.24
CA VAL D 107 -18.27 4.87 -20.61
C VAL D 107 -19.72 4.44 -20.61
N SER D 108 -20.41 4.64 -21.73
CA SER D 108 -21.82 4.34 -21.86
C SER D 108 -21.99 3.22 -22.87
N HIS D 109 -21.93 1.97 -22.39
CA HIS D 109 -21.96 0.83 -23.30
C HIS D 109 -23.33 0.68 -23.96
N ASP D 110 -24.41 0.77 -23.18
CA ASP D 110 -25.75 0.60 -23.71
C ASP D 110 -26.63 1.76 -23.29
N TRP D 111 -27.54 2.16 -24.18
CA TRP D 111 -28.34 3.36 -24.01
C TRP D 111 -29.83 3.01 -24.03
N GLY D 112 -30.62 3.81 -23.30
CA GLY D 112 -32.06 3.70 -23.34
C GLY D 112 -32.64 4.42 -24.55
N GLN D 113 -33.96 4.50 -24.58
CA GLN D 113 -34.64 5.15 -25.69
C GLN D 113 -34.91 6.63 -25.45
N GLY D 114 -34.66 7.14 -24.26
CA GLY D 114 -34.80 8.56 -24.00
C GLY D 114 -36.22 9.03 -23.77
N THR D 115 -36.40 9.96 -22.83
CA THR D 115 -37.71 10.52 -22.51
C THR D 115 -37.75 11.99 -22.88
N LEU D 116 -38.82 12.40 -23.54
CA LEU D 116 -39.03 13.80 -23.86
C LEU D 116 -39.55 14.51 -22.62
N VAL D 117 -38.76 15.44 -22.08
CA VAL D 117 -39.14 16.20 -20.90
C VAL D 117 -39.11 17.67 -21.29
N THR D 118 -40.28 18.31 -21.26
CA THR D 118 -40.40 19.71 -21.62
C THR D 118 -41.06 20.49 -20.50
N VAL D 119 -40.72 21.78 -20.42
CA VAL D 119 -41.26 22.70 -19.43
C VAL D 119 -41.99 23.83 -20.16
N SER D 120 -43.23 24.08 -19.76
CA SER D 120 -44.05 25.09 -20.41
C SER D 120 -44.99 25.69 -19.37
N SER D 121 -46.00 26.41 -19.84
CA SER D 121 -46.96 27.07 -18.96
C SER D 121 -48.36 27.05 -19.55
N ASP E 1 6.22 2.59 15.22
CA ASP E 1 7.65 2.83 15.12
C ASP E 1 8.38 2.32 16.34
N ILE E 2 9.70 2.20 16.24
CA ILE E 2 10.52 1.74 17.35
C ILE E 2 11.00 2.95 18.14
N GLN E 3 10.63 3.02 19.41
CA GLN E 3 10.97 4.14 20.27
C GLN E 3 12.17 3.76 21.13
N MET E 4 13.23 4.55 21.03
CA MET E 4 14.47 4.29 21.75
C MET E 4 14.71 5.37 22.78
N THR E 5 15.15 4.97 23.97
CA THR E 5 15.48 5.89 25.05
C THR E 5 16.89 5.62 25.53
N GLN E 6 17.56 6.67 25.99
CA GLN E 6 18.90 6.57 26.54
C GLN E 6 18.87 6.93 28.02
N SER E 7 19.93 6.52 28.72
CA SER E 7 20.05 6.80 30.15
C SER E 7 21.50 6.67 30.55
N PRO E 8 22.01 7.55 31.42
CA PRO E 8 21.27 8.69 31.99
C PRO E 8 21.22 9.86 31.00
N SER E 9 20.29 10.79 31.24
CA SER E 9 20.19 11.95 30.36
C SER E 9 21.44 12.81 30.43
N THR E 10 21.99 13.00 31.63
CA THR E 10 23.18 13.82 31.82
C THR E 10 24.16 13.05 32.70
N LEU E 11 25.43 13.04 32.31
CA LEU E 11 26.48 12.33 33.02
C LEU E 11 27.59 13.29 33.39
N SER E 12 28.13 13.13 34.59
CA SER E 12 29.21 13.98 35.09
C SER E 12 30.41 13.09 35.43
N ALA E 13 31.54 13.37 34.79
CA ALA E 13 32.71 12.52 34.92
C ALA E 13 33.98 13.37 34.87
N SER E 14 35.08 12.78 35.33
CA SER E 14 36.39 13.42 35.32
C SER E 14 37.33 12.61 34.43
N VAL E 15 38.44 13.25 34.04
CA VAL E 15 39.38 12.63 33.13
C VAL E 15 39.99 11.40 33.78
N GLY E 16 40.10 10.32 33.02
CA GLY E 16 40.64 9.07 33.50
C GLY E 16 39.62 8.10 34.06
N ASP E 17 38.33 8.45 34.03
CA ASP E 17 37.30 7.63 34.62
C ASP E 17 36.61 6.83 33.52
N ARG E 18 35.93 5.75 33.92
CA ARG E 18 35.22 4.87 33.00
C ARG E 18 33.72 5.16 33.07
N VAL E 19 33.11 5.41 31.92
CA VAL E 19 31.69 5.73 31.87
C VAL E 19 30.99 4.76 30.93
N THR E 20 29.70 4.57 31.16
CA THR E 20 28.87 3.68 30.37
C THR E 20 27.56 4.37 30.04
N ILE E 21 27.13 4.29 28.80
CA ILE E 21 25.89 4.90 28.34
C ILE E 21 24.96 3.78 27.91
N THR E 22 23.78 3.73 28.52
CA THR E 22 22.82 2.66 28.30
C THR E 22 21.78 3.11 27.28
N CYS E 23 21.44 2.21 26.35
CA CYS E 23 20.52 2.53 25.27
C CYS E 23 19.55 1.37 25.11
N ARG E 24 18.25 1.66 25.17
CA ARG E 24 17.21 0.64 25.11
C ARG E 24 16.26 0.94 23.97
N ALA E 25 15.77 -0.13 23.32
CA ALA E 25 14.79 -0.02 22.26
C ALA E 25 13.48 -0.66 22.70
N SER E 26 12.37 -0.09 22.22
CA SER E 26 11.05 -0.60 22.59
C SER E 26 10.85 -2.02 22.09
N GLN E 27 11.23 -2.30 20.85
CA GLN E 27 11.11 -3.62 20.25
C GLN E 27 12.48 -4.16 19.90
N SER E 28 12.51 -5.41 19.47
CA SER E 28 13.76 -6.03 19.06
C SER E 28 14.22 -5.43 17.74
N ILE E 29 15.50 -5.02 17.69
CA ILE E 29 16.09 -4.45 16.49
C ILE E 29 17.24 -5.31 15.99
N SER E 30 17.26 -6.59 16.37
CA SER E 30 18.36 -7.49 16.08
C SER E 30 19.68 -6.89 16.54
N SER E 31 20.73 -7.00 15.73
CA SER E 31 22.05 -6.48 16.08
C SER E 31 22.42 -5.26 15.26
N TRP E 32 21.45 -4.48 14.81
CA TRP E 32 21.69 -3.29 14.02
C TRP E 32 21.61 -2.07 14.91
N LEU E 33 22.71 -1.34 15.03
CA LEU E 33 22.76 -0.13 15.86
C LEU E 33 23.92 0.74 15.39
N ALA E 34 23.85 2.02 15.73
CA ALA E 34 24.92 2.95 15.42
C ALA E 34 25.04 3.97 16.55
N TRP E 35 26.26 4.46 16.75
CA TRP E 35 26.55 5.47 17.77
C TRP E 35 27.24 6.66 17.12
N TYR E 36 26.88 7.86 17.56
CA TYR E 36 27.44 9.09 17.02
C TYR E 36 27.85 10.01 18.17
N GLN E 37 28.77 10.93 17.86
CA GLN E 37 29.20 11.95 18.80
C GLN E 37 29.11 13.32 18.11
N GLN E 38 28.47 14.27 18.79
CA GLN E 38 28.31 15.61 18.25
C GLN E 38 28.82 16.64 19.25
N LYS E 39 29.84 17.39 18.85
CA LYS E 39 30.32 18.50 19.65
C LYS E 39 29.38 19.68 19.52
N PRO E 40 29.38 20.60 20.48
CA PRO E 40 28.49 21.76 20.39
C PRO E 40 28.73 22.61 19.16
N GLY E 41 27.74 22.66 18.27
CA GLY E 41 27.81 23.47 17.07
C GLY E 41 28.50 22.84 15.88
N LYS E 42 28.92 21.59 15.98
CA LYS E 42 29.60 20.92 14.89
C LYS E 42 28.80 19.72 14.40
N ALA E 43 29.14 19.23 13.22
CA ALA E 43 28.47 18.07 12.66
C ALA E 43 28.84 16.82 13.46
N PRO E 44 27.97 15.81 13.47
CA PRO E 44 28.27 14.58 14.22
C PRO E 44 29.42 13.81 13.60
N LYS E 45 29.74 12.68 14.23
CA LYS E 45 30.81 11.80 13.79
C LYS E 45 30.44 10.37 14.13
N LEU E 46 30.57 9.48 13.15
CA LEU E 46 30.25 8.07 13.37
C LEU E 46 31.31 7.43 14.25
N LEU E 47 30.86 6.63 15.22
CA LEU E 47 31.76 5.93 16.12
C LEU E 47 31.68 4.42 15.96
N ILE E 48 30.50 3.83 16.10
CA ILE E 48 30.33 2.38 16.10
C ILE E 48 29.09 2.03 15.28
N TYR E 49 29.21 1.03 14.42
CA TYR E 49 28.07 0.47 13.70
C TYR E 49 28.06 -1.04 13.90
N LYS E 50 26.87 -1.64 13.75
CA LYS E 50 26.59 -3.03 14.09
C LYS E 50 26.76 -3.30 15.57
N ALA E 51 26.91 -2.24 16.39
CA ALA E 51 26.96 -2.30 17.84
C ALA E 51 28.26 -2.92 18.36
N SER E 52 29.09 -3.45 17.46
CA SER E 52 30.37 -3.99 17.90
C SER E 52 31.52 -3.49 17.01
N SER E 53 31.25 -3.28 15.73
CA SER E 53 32.31 -2.88 14.81
C SER E 53 32.70 -1.43 15.04
N LEU E 54 34.00 -1.16 14.99
CA LEU E 54 34.54 0.16 15.27
C LEU E 54 34.90 0.84 13.96
N GLU E 55 34.37 2.04 13.75
CA GLU E 55 34.64 2.78 12.53
C GLU E 55 36.12 3.13 12.42
N SER E 56 36.65 3.03 11.20
CA SER E 56 38.06 3.32 10.97
C SER E 56 38.40 4.75 11.38
N GLY E 57 39.50 4.91 12.11
CA GLY E 57 39.95 6.19 12.59
C GLY E 57 39.55 6.52 14.01
N VAL E 58 38.54 5.84 14.55
CA VAL E 58 38.13 6.07 15.93
C VAL E 58 39.19 5.52 16.87
N PRO E 59 39.56 6.24 17.92
CA PRO E 59 40.56 5.71 18.86
C PRO E 59 40.09 4.43 19.52
N SER E 60 41.03 3.75 20.16
CA SER E 60 40.77 2.43 20.72
C SER E 60 40.07 2.46 22.07
N ARG E 61 39.95 3.62 22.71
CA ARG E 61 39.34 3.68 24.03
C ARG E 61 37.84 3.41 24.00
N PHE E 62 37.20 3.48 22.83
CA PHE E 62 35.78 3.22 22.72
C PHE E 62 35.51 1.73 22.53
N SER E 63 34.34 1.30 22.96
CA SER E 63 33.94 -0.10 22.86
C SER E 63 32.45 -0.21 23.13
N GLY E 64 31.76 -1.01 22.33
CA GLY E 64 30.34 -1.20 22.47
C GLY E 64 29.96 -2.66 22.48
N SER E 65 28.76 -2.93 23.00
CA SER E 65 28.27 -4.29 23.10
C SER E 65 26.75 -4.26 23.20
N GLY E 66 26.13 -5.39 22.90
CA GLY E 66 24.68 -5.50 22.98
C GLY E 66 24.10 -6.50 22.00
N SER E 67 22.96 -7.09 22.35
CA SER E 67 22.33 -8.12 21.52
C SER E 67 20.95 -7.71 21.02
N GLY E 68 20.05 -7.30 21.91
CA GLY E 68 18.72 -6.91 21.49
C GLY E 68 17.97 -6.18 22.59
N THR E 69 17.38 -5.03 22.25
CA THR E 69 16.66 -4.16 23.18
C THR E 69 17.51 -3.75 24.38
N GLU E 70 18.83 -3.91 24.29
CA GLU E 70 19.72 -3.50 25.38
C GLU E 70 21.12 -3.36 24.81
N PHE E 71 21.62 -2.13 24.76
CA PHE E 71 22.96 -1.84 24.26
C PHE E 71 23.65 -0.86 25.17
N THR E 72 24.98 -0.96 25.23
CA THR E 72 25.79 -0.08 26.06
C THR E 72 26.99 0.40 25.27
N LEU E 73 27.51 1.57 25.65
CA LEU E 73 28.73 2.12 25.09
C LEU E 73 29.65 2.52 26.25
N THR E 74 30.90 2.08 26.20
CA THR E 74 31.84 2.30 27.29
C THR E 74 33.10 2.97 26.78
N ILE E 75 33.65 3.87 27.58
CA ILE E 75 34.92 4.52 27.30
C ILE E 75 35.93 4.03 28.33
N SER E 76 37.00 3.40 27.85
CA SER E 76 37.98 2.80 28.76
C SER E 76 38.72 3.86 29.56
N SER E 77 39.22 4.90 28.90
CA SER E 77 39.93 5.99 29.56
C SER E 77 39.46 7.30 28.97
N LEU E 78 38.78 8.11 29.76
CA LEU E 78 38.27 9.38 29.28
C LEU E 78 39.42 10.35 29.01
N GLN E 79 39.23 11.20 28.01
CA GLN E 79 40.21 12.17 27.57
C GLN E 79 39.54 13.52 27.46
N PRO E 80 40.31 14.62 27.50
CA PRO E 80 39.68 15.95 27.43
C PRO E 80 38.89 16.20 26.16
N ASP E 81 39.13 15.42 25.10
CA ASP E 81 38.39 15.57 23.85
C ASP E 81 37.28 14.54 23.73
N ASP E 82 36.59 14.23 24.83
CA ASP E 82 35.49 13.29 24.81
C ASP E 82 34.20 13.85 25.40
N PHE E 83 34.20 15.13 25.77
CA PHE E 83 33.01 15.77 26.32
C PHE E 83 32.13 16.24 25.15
N ALA E 84 31.01 15.55 24.93
CA ALA E 84 30.13 15.86 23.81
C ALA E 84 28.77 15.23 24.08
N THR E 85 27.93 15.20 23.05
CA THR E 85 26.61 14.58 23.11
C THR E 85 26.60 13.34 22.22
N TYR E 86 25.97 12.27 22.71
CA TYR E 86 25.99 10.99 22.03
C TYR E 86 24.56 10.55 21.71
N TYR E 87 24.37 10.02 20.50
CA TYR E 87 23.05 9.63 20.01
C TYR E 87 23.09 8.18 19.54
N CYS E 88 22.03 7.44 19.87
CA CYS E 88 21.82 6.10 19.31
C CYS E 88 21.20 6.22 17.93
N GLN E 89 21.11 5.08 17.24
CA GLN E 89 20.35 4.99 16.00
C GLN E 89 20.20 3.52 15.64
N GLN E 90 19.00 3.12 15.23
CA GLN E 90 18.74 1.78 14.75
C GLN E 90 18.34 1.85 13.28
N TYR E 91 18.87 0.93 12.49
CA TYR E 91 18.54 0.86 11.08
C TYR E 91 17.93 -0.49 10.73
N ASN E 92 16.99 -0.93 11.56
CA ASN E 92 16.15 -2.09 11.29
C ASN E 92 14.73 -1.58 11.08
N SER E 93 14.16 -1.85 9.89
CA SER E 93 12.86 -1.33 9.48
C SER E 93 12.91 0.18 9.26
N TYR E 94 12.07 0.69 8.36
CA TYR E 94 12.10 2.10 7.99
C TYR E 94 11.77 2.97 9.19
N SER E 95 11.89 4.29 8.98
CA SER E 95 11.83 5.29 10.04
C SER E 95 12.90 5.00 11.10
N HIS E 96 14.15 5.14 10.66
CA HIS E 96 15.29 4.89 11.52
C HIS E 96 15.40 5.97 12.58
N THR E 97 14.80 5.73 13.74
CA THR E 97 14.77 6.73 14.79
C THR E 97 16.14 6.88 15.44
N PHE E 98 16.35 8.04 16.05
CA PHE E 98 17.55 8.34 16.80
C PHE E 98 17.27 8.19 18.29
N GLY E 99 18.24 8.58 19.12
CA GLY E 99 18.08 8.58 20.56
C GLY E 99 17.80 9.97 21.09
N GLN E 100 17.44 10.02 22.38
CA GLN E 100 17.16 11.31 23.01
C GLN E 100 18.42 12.17 23.11
N GLY E 101 19.59 11.55 23.18
CA GLY E 101 20.83 12.30 23.28
C GLY E 101 21.34 12.45 24.69
N THR E 102 22.46 11.80 24.99
CA THR E 102 23.08 11.87 26.31
C THR E 102 24.20 12.90 26.27
N LYS E 103 24.20 13.83 27.22
CA LYS E 103 25.23 14.85 27.33
C LYS E 103 26.17 14.48 28.46
N LEU E 104 27.48 14.54 28.19
CA LEU E 104 28.49 14.17 29.16
C LEU E 104 29.30 15.42 29.51
N GLU E 105 29.48 15.68 30.80
CA GLU E 105 30.07 16.94 31.24
C GLU E 105 31.23 16.72 32.20
N ILE E 106 31.69 17.81 32.82
CA ILE E 106 32.85 17.81 33.71
C ILE E 106 32.36 17.94 35.14
N LYS E 107 33.14 17.43 36.08
CA LYS E 107 32.83 17.55 37.50
C LYS E 107 33.71 18.62 38.14
N ARG E 108 33.07 19.58 38.81
CA ARG E 108 33.78 20.69 39.44
C ARG E 108 33.81 20.55 40.96
N GLN F 1 38.96 11.27 3.62
CA GLN F 1 39.31 11.61 2.25
C GLN F 1 38.16 12.30 1.54
N VAL F 2 36.95 11.82 1.78
CA VAL F 2 35.74 12.34 1.12
C VAL F 2 35.12 13.39 2.02
N GLN F 3 34.97 14.61 1.49
CA GLN F 3 34.35 15.70 2.21
C GLN F 3 33.15 16.19 1.40
N LEU F 4 32.10 16.61 2.11
CA LEU F 4 30.86 17.04 1.48
C LEU F 4 30.65 18.53 1.73
N VAL F 5 30.27 19.24 0.69
CA VAL F 5 30.05 20.69 0.75
C VAL F 5 28.61 20.97 0.38
N GLN F 6 27.93 21.75 1.21
CA GLN F 6 26.53 22.10 1.00
C GLN F 6 26.42 23.54 0.49
N SER F 7 25.18 23.99 0.33
CA SER F 7 24.90 25.35 -0.11
C SER F 7 24.92 26.29 1.09
N GLY F 8 24.47 27.52 0.88
CA GLY F 8 24.44 28.51 1.94
C GLY F 8 23.11 28.55 2.69
N ALA F 9 23.01 29.51 3.59
CA ALA F 9 21.80 29.67 4.38
C ALA F 9 20.64 30.12 3.50
N GLU F 10 19.43 29.72 3.91
CA GLU F 10 18.21 30.04 3.16
C GLU F 10 17.16 30.59 4.11
N VAL F 11 16.44 31.60 3.65
CA VAL F 11 15.27 32.13 4.34
C VAL F 11 14.11 32.18 3.35
N LYS F 12 12.97 31.60 3.74
CA LYS F 12 11.84 31.46 2.83
C LYS F 12 10.55 31.79 3.57
N LYS F 13 9.56 32.23 2.80
CA LYS F 13 8.22 32.41 3.33
C LYS F 13 7.60 31.05 3.66
N PRO F 14 6.63 31.01 4.56
CA PRO F 14 6.04 29.72 4.94
C PRO F 14 5.49 28.92 3.77
N GLY F 15 4.82 29.58 2.83
CA GLY F 15 4.28 28.87 1.68
C GLY F 15 5.23 28.82 0.50
N SER F 16 6.33 28.08 0.63
CA SER F 16 7.33 28.01 -0.43
C SER F 16 8.00 26.64 -0.36
N SER F 17 9.13 26.53 -1.06
CA SER F 17 9.90 25.29 -1.09
C SER F 17 11.39 25.63 -1.16
N VAL F 18 12.22 24.66 -0.80
CA VAL F 18 13.66 24.87 -0.67
C VAL F 18 14.40 23.79 -1.43
N LYS F 19 15.56 24.16 -1.98
CA LYS F 19 16.46 23.25 -2.69
C LYS F 19 17.83 23.32 -2.03
N VAL F 20 18.34 22.18 -1.58
CA VAL F 20 19.63 22.10 -0.90
C VAL F 20 20.53 21.17 -1.69
N SER F 21 21.72 21.65 -2.03
CA SER F 21 22.69 20.88 -2.78
C SER F 21 23.69 20.22 -1.82
N CYS F 22 24.33 19.16 -2.31
CA CYS F 22 25.27 18.38 -1.51
C CYS F 22 26.28 17.75 -2.46
N LYS F 23 27.43 18.41 -2.63
CA LYS F 23 28.46 17.94 -3.55
C LYS F 23 29.48 17.10 -2.80
N ALA F 24 29.68 15.87 -3.27
CA ALA F 24 30.66 14.96 -2.69
C ALA F 24 31.75 14.68 -3.70
N SER F 25 33.00 14.90 -3.30
CA SER F 25 34.14 14.67 -4.18
C SER F 25 35.06 13.64 -3.55
N GLY F 26 35.39 12.61 -4.33
CA GLY F 26 36.27 11.55 -3.84
C GLY F 26 35.63 10.17 -3.89
N GLY F 27 36.39 9.18 -4.32
CA GLY F 27 35.88 7.83 -4.42
C GLY F 27 35.07 7.59 -5.68
N THR F 28 34.38 6.45 -5.68
CA THR F 28 33.51 6.06 -6.77
C THR F 28 32.07 6.44 -6.47
N PHE F 29 31.39 7.01 -7.47
CA PHE F 29 30.02 7.47 -7.27
C PHE F 29 29.02 6.32 -7.26
N SER F 30 29.32 5.22 -7.93
CA SER F 30 28.35 4.13 -8.05
C SER F 30 28.03 3.52 -6.70
N SER F 31 29.04 3.28 -5.86
CA SER F 31 28.87 2.59 -4.59
C SER F 31 28.54 3.54 -3.45
N TYR F 32 27.87 4.65 -3.74
CA TYR F 32 27.60 5.69 -2.75
C TYR F 32 26.09 5.76 -2.51
N SER F 33 25.71 5.97 -1.25
CA SER F 33 24.32 6.17 -0.88
C SER F 33 24.20 7.43 -0.04
N PHE F 34 23.21 8.25 -0.35
CA PHE F 34 23.02 9.54 0.31
C PHE F 34 21.80 9.47 1.22
N ILE F 35 21.96 9.93 2.45
CA ILE F 35 20.86 10.02 3.40
C ILE F 35 20.85 11.43 3.98
N TRP F 36 19.68 11.88 4.40
CA TRP F 36 19.49 13.25 4.87
C TRP F 36 18.93 13.24 6.28
N VAL F 37 19.53 14.05 7.15
CA VAL F 37 19.15 14.13 8.56
C VAL F 37 18.92 15.59 8.91
N ARG F 38 17.85 15.87 9.63
CA ARG F 38 17.47 17.22 10.02
C ARG F 38 17.55 17.36 11.53
N GLN F 39 18.17 18.45 11.99
CA GLN F 39 18.32 18.72 13.41
C GLN F 39 17.54 19.97 13.77
N ALA F 40 16.68 19.86 14.78
CA ALA F 40 15.91 20.99 15.26
C ALA F 40 16.84 22.02 15.90
N PRO F 41 16.38 23.27 16.03
CA PRO F 41 17.27 24.30 16.60
C PRO F 41 17.76 23.99 18.00
N GLY F 42 16.98 23.25 18.81
CA GLY F 42 17.41 22.95 20.16
C GLY F 42 17.19 21.51 20.58
N GLN F 43 16.61 20.70 19.70
CA GLN F 43 16.29 19.31 20.01
C GLN F 43 17.30 18.38 19.34
N GLY F 44 17.02 17.08 19.39
CA GLY F 44 17.89 16.08 18.81
C GLY F 44 17.69 15.95 17.32
N LEU F 45 18.44 15.01 16.74
CA LEU F 45 18.42 14.81 15.30
C LEU F 45 17.15 14.08 14.88
N GLU F 46 16.88 14.09 13.57
CA GLU F 46 15.68 13.48 13.02
C GLU F 46 15.99 12.93 11.63
N TRP F 47 15.52 11.72 11.36
CA TRP F 47 15.79 11.06 10.09
C TRP F 47 14.73 11.43 9.06
N MET F 48 15.15 11.56 7.80
CA MET F 48 14.22 11.85 6.71
C MET F 48 14.12 10.74 5.67
N GLY F 49 15.23 10.32 5.08
CA GLY F 49 15.14 9.33 4.02
C GLY F 49 16.50 8.91 3.53
N ARG F 50 16.48 7.95 2.61
CA ARG F 50 17.68 7.35 2.04
C ARG F 50 17.49 7.16 0.54
N ILE F 51 18.52 7.46 -0.23
CA ILE F 51 18.51 7.27 -1.68
C ILE F 51 19.74 6.46 -2.07
N ILE F 52 19.55 5.50 -2.95
CA ILE F 52 20.63 4.67 -3.48
C ILE F 52 20.60 4.77 -4.99
N PRO F 53 21.43 5.65 -5.57
CA PRO F 53 21.34 5.88 -7.03
C PRO F 53 21.65 4.63 -7.85
N ILE F 54 22.55 3.78 -7.39
CA ILE F 54 22.99 2.63 -8.19
C ILE F 54 21.85 1.65 -8.38
N LEU F 55 20.99 1.48 -7.38
CA LEU F 55 19.88 0.55 -7.45
C LEU F 55 18.54 1.22 -7.71
N GLY F 56 18.48 2.54 -7.66
CA GLY F 56 17.26 3.26 -7.93
C GLY F 56 16.15 2.99 -6.93
N ILE F 57 16.48 2.99 -5.65
CA ILE F 57 15.49 2.79 -4.59
C ILE F 57 15.54 3.98 -3.66
N ALA F 58 14.36 4.48 -3.28
CA ALA F 58 14.23 5.61 -2.38
C ALA F 58 13.19 5.29 -1.32
N ASN F 59 13.43 5.80 -0.11
CA ASN F 59 12.51 5.58 1.00
C ASN F 59 12.52 6.82 1.88
N TYR F 60 11.34 7.34 2.21
CA TYR F 60 11.20 8.55 2.99
C TYR F 60 10.50 8.25 4.32
N ALA F 61 10.57 9.23 5.22
CA ALA F 61 9.94 9.09 6.52
C ALA F 61 8.42 9.08 6.39
N GLN F 62 7.75 8.68 7.47
CA GLN F 62 6.30 8.55 7.43
C GLN F 62 5.63 9.90 7.19
N LYS F 63 5.97 10.91 7.99
CA LYS F 63 5.27 12.18 7.91
C LYS F 63 5.69 12.98 6.67
N PHE F 64 6.85 12.68 6.11
CA PHE F 64 7.41 13.48 5.03
C PHE F 64 7.07 12.98 3.63
N GLN F 65 6.29 11.91 3.50
CA GLN F 65 5.92 11.46 2.17
C GLN F 65 5.02 12.48 1.49
N GLY F 66 5.27 12.70 0.19
CA GLY F 66 4.53 13.68 -0.56
C GLY F 66 5.02 15.10 -0.39
N ARG F 67 6.07 15.32 0.39
CA ARG F 67 6.59 16.68 0.59
C ARG F 67 8.08 16.75 0.28
N VAL F 68 8.81 15.68 0.55
CA VAL F 68 10.25 15.65 0.37
C VAL F 68 10.60 14.67 -0.76
N THR F 69 11.53 15.08 -1.61
CA THR F 69 12.06 14.23 -2.67
C THR F 69 13.56 14.40 -2.71
N ILE F 70 14.28 13.28 -2.71
CA ILE F 70 15.75 13.28 -2.72
C ILE F 70 16.21 12.66 -4.02
N THR F 71 16.99 13.42 -4.80
CA THR F 71 17.51 12.96 -6.07
C THR F 71 19.02 13.18 -6.11
N ALA F 72 19.68 12.45 -6.99
CA ALA F 72 21.13 12.55 -7.16
C ALA F 72 21.47 12.69 -8.63
N ASP F 73 22.54 13.44 -8.90
CA ASP F 73 23.02 13.67 -10.26
C ASP F 73 24.36 12.98 -10.41
N LYS F 74 24.46 12.07 -11.40
CA LYS F 74 25.69 11.32 -11.58
C LYS F 74 26.79 12.17 -12.19
N SER F 75 26.46 12.98 -13.20
CA SER F 75 27.48 13.77 -13.89
C SER F 75 28.07 14.81 -12.95
N THR F 76 27.24 15.49 -12.16
CA THR F 76 27.69 16.55 -11.29
C THR F 76 28.04 16.05 -9.89
N THR F 77 27.89 14.74 -9.65
CA THR F 77 28.15 14.08 -8.35
C THR F 77 27.66 14.91 -7.17
N THR F 78 26.45 15.45 -7.31
CA THR F 78 25.78 16.18 -6.25
C THR F 78 24.53 15.43 -5.80
N ALA F 79 23.92 15.93 -4.74
CA ALA F 79 22.66 15.42 -4.24
C ALA F 79 21.73 16.59 -3.96
N TYR F 80 20.42 16.33 -4.06
CA TYR F 80 19.42 17.37 -3.89
C TYR F 80 18.33 16.90 -2.95
N MET F 81 17.75 17.86 -2.23
CA MET F 81 16.63 17.61 -1.33
C MET F 81 15.59 18.69 -1.53
N GLU F 82 14.45 18.32 -2.11
CA GLU F 82 13.35 19.24 -2.36
C GLU F 82 12.27 19.05 -1.30
N LEU F 83 12.04 20.09 -0.51
CA LEU F 83 10.98 20.07 0.50
C LEU F 83 9.96 21.14 0.14
N SER F 84 8.75 20.69 -0.21
CA SER F 84 7.70 21.58 -0.68
C SER F 84 6.62 21.74 0.39
N SER F 85 5.87 22.83 0.25
CA SER F 85 4.79 23.17 1.20
C SER F 85 5.33 23.28 2.62
N LEU F 86 6.23 24.25 2.81
CA LEU F 86 6.87 24.45 4.09
C LEU F 86 5.86 24.92 5.13
N ARG F 87 6.24 24.79 6.40
CA ARG F 87 5.40 25.22 7.51
C ARG F 87 6.27 25.97 8.52
N SER F 88 5.63 26.42 9.60
CA SER F 88 6.32 27.24 10.59
C SER F 88 7.35 26.45 11.39
N GLU F 89 7.07 25.18 11.66
CA GLU F 89 7.95 24.37 12.50
C GLU F 89 9.04 23.65 11.71
N ASP F 90 9.05 23.79 10.39
CA ASP F 90 10.06 23.12 9.58
C ASP F 90 11.43 23.77 9.67
N THR F 91 11.55 24.95 10.27
CA THR F 91 12.86 25.57 10.42
C THR F 91 13.76 24.70 11.29
N ALA F 92 14.98 24.49 10.80
CA ALA F 92 15.92 23.55 11.42
C ALA F 92 17.26 23.70 10.72
N VAL F 93 18.21 22.83 11.08
CA VAL F 93 19.51 22.75 10.43
C VAL F 93 19.57 21.40 9.70
N TYR F 94 19.92 21.44 8.42
CA TYR F 94 19.81 20.27 7.55
C TYR F 94 21.19 19.74 7.22
N TYR F 95 21.38 18.43 7.43
CA TYR F 95 22.66 17.78 7.23
C TYR F 95 22.56 16.78 6.08
N CYS F 96 23.67 16.64 5.36
CA CYS F 96 23.78 15.67 4.26
C CYS F 96 24.82 14.63 4.62
N ALA F 97 24.48 13.37 4.45
CA ALA F 97 25.34 12.28 4.89
C ALA F 97 25.55 11.29 3.75
N ARG F 98 26.54 10.42 3.95
CA ARG F 98 26.96 9.44 2.96
C ARG F 98 26.97 8.06 3.57
N GLY F 99 26.50 7.07 2.81
CA GLY F 99 26.60 5.69 3.24
C GLY F 99 27.50 4.88 2.33
N THR F 100 28.53 4.27 2.89
CA THR F 100 29.50 3.51 2.11
C THR F 100 29.00 2.08 1.90
N GLU F 101 29.26 1.55 0.71
CA GLU F 101 28.78 0.21 0.37
C GLU F 101 29.45 -0.85 1.25
N TYR F 102 30.76 -0.74 1.47
CA TYR F 102 31.45 -1.73 2.28
C TYR F 102 30.98 -1.69 3.73
N GLY F 103 30.90 -0.50 4.32
CA GLY F 103 30.46 -0.42 5.70
C GLY F 103 28.99 -0.74 5.86
N ASP F 104 28.12 0.15 5.41
CA ASP F 104 26.69 -0.06 5.43
C ASP F 104 26.01 1.09 4.70
N TYR F 105 24.94 0.77 3.98
CA TYR F 105 24.22 1.80 3.23
C TYR F 105 23.45 2.72 4.17
N ASP F 106 22.83 2.17 5.20
CA ASP F 106 21.98 2.96 6.08
C ASP F 106 22.77 3.83 7.04
N VAL F 107 23.96 3.39 7.45
CA VAL F 107 24.76 4.14 8.41
C VAL F 107 25.42 5.32 7.70
N SER F 108 25.46 6.47 8.39
CA SER F 108 26.06 7.68 7.83
C SER F 108 27.54 7.71 8.20
N HIS F 109 28.41 7.57 7.22
CA HIS F 109 29.84 7.56 7.46
C HIS F 109 30.46 8.95 7.35
N ASP F 110 30.06 9.73 6.35
CA ASP F 110 30.59 11.07 6.13
C ASP F 110 29.47 12.09 6.23
N TRP F 111 29.78 13.25 6.78
CA TRP F 111 28.80 14.29 7.02
C TRP F 111 29.19 15.60 6.34
N GLY F 112 28.18 16.32 5.87
CA GLY F 112 28.40 17.66 5.37
C GLY F 112 28.40 18.68 6.49
N GLN F 113 28.81 19.91 6.14
CA GLN F 113 28.86 20.97 7.12
C GLN F 113 27.49 21.45 7.57
N GLY F 114 26.44 21.11 6.83
CA GLY F 114 25.10 21.49 7.25
C GLY F 114 24.69 22.85 6.72
N THR F 115 23.37 23.04 6.60
CA THR F 115 22.80 24.30 6.18
C THR F 115 21.64 24.65 7.10
N LEU F 116 21.35 25.95 7.20
CA LEU F 116 20.34 26.45 8.11
C LEU F 116 19.19 27.04 7.31
N VAL F 117 17.97 26.62 7.64
CA VAL F 117 16.76 27.06 6.96
C VAL F 117 15.87 27.78 7.96
N THR F 118 15.43 28.98 7.62
CA THR F 118 14.56 29.78 8.48
C THR F 118 13.29 30.13 7.72
N VAL F 119 12.14 29.83 8.33
CA VAL F 119 10.84 30.15 7.75
C VAL F 119 10.15 31.15 8.66
N SER F 120 9.83 32.32 8.13
CA SER F 120 9.25 33.42 8.91
C SER F 120 8.71 34.45 7.92
N SER F 121 8.31 35.60 8.46
CA SER F 121 7.83 36.70 7.64
C SER F 121 8.97 37.31 6.83
N GLU G 1 -37.26 8.54 9.61
CA GLU G 1 -37.78 7.41 8.86
C GLU G 1 -38.15 6.27 9.80
N ILE G 2 -37.63 6.32 11.03
CA ILE G 2 -37.95 5.33 12.05
C ILE G 2 -38.17 6.04 13.37
N VAL G 3 -39.36 5.90 13.95
CA VAL G 3 -39.75 6.59 15.17
C VAL G 3 -40.05 5.54 16.22
N LEU G 4 -39.46 5.70 17.40
CA LEU G 4 -39.66 4.79 18.53
C LEU G 4 -40.22 5.59 19.69
N THR G 5 -41.54 5.61 19.82
CA THR G 5 -42.21 6.37 20.86
C THR G 5 -42.05 5.68 22.21
N GLN G 6 -41.72 6.46 23.24
CA GLN G 6 -41.47 5.94 24.58
C GLN G 6 -42.41 6.56 25.59
N SER G 7 -43.02 5.71 26.41
CA SER G 7 -43.86 6.09 27.53
C SER G 7 -43.80 5.00 28.59
N PRO G 8 -43.93 5.36 29.88
CA PRO G 8 -44.08 6.72 30.41
C PRO G 8 -42.73 7.43 30.53
N GLY G 9 -42.77 8.76 30.68
CA GLY G 9 -41.53 9.50 30.85
C GLY G 9 -40.84 9.17 32.17
N THR G 10 -41.63 8.97 33.22
CA THR G 10 -41.09 8.75 34.56
C THR G 10 -41.68 7.48 35.14
N LEU G 11 -40.93 6.87 36.06
CA LEU G 11 -41.33 5.65 36.74
C LEU G 11 -41.06 5.80 38.23
N SER G 12 -41.91 5.18 39.05
CA SER G 12 -41.81 5.29 40.51
C SER G 12 -42.08 3.93 41.16
N LEU G 13 -41.04 3.14 41.38
CA LEU G 13 -41.15 1.87 42.07
C LEU G 13 -40.00 1.71 43.05
N SER G 14 -40.16 0.75 43.96
CA SER G 14 -39.18 0.46 44.99
C SER G 14 -38.56 -0.92 44.76
N PRO G 15 -37.33 -1.17 45.28
CA PRO G 15 -36.64 -2.43 44.96
C PRO G 15 -37.28 -3.65 45.58
N GLY G 16 -37.08 -4.81 44.95
CA GLY G 16 -37.72 -6.04 45.35
C GLY G 16 -38.93 -6.33 44.47
N GLU G 17 -39.27 -5.34 43.63
CA GLU G 17 -40.45 -5.40 42.78
C GLU G 17 -40.04 -5.41 41.30
N ARG G 18 -41.04 -5.38 40.42
CA ARG G 18 -40.82 -5.60 39.00
C ARG G 18 -41.29 -4.41 38.18
N ALA G 19 -40.38 -3.88 37.37
CA ALA G 19 -40.61 -2.65 36.62
C ALA G 19 -40.82 -2.97 35.15
N THR G 20 -41.45 -2.02 34.45
CA THR G 20 -41.82 -2.20 33.05
C THR G 20 -41.34 -1.01 32.22
N LEU G 21 -40.45 -1.28 31.27
CA LEU G 21 -40.05 -0.29 30.28
C LEU G 21 -40.68 -0.61 28.93
N SER G 22 -40.95 0.43 28.15
CA SER G 22 -41.61 0.24 26.87
C SER G 22 -41.07 1.21 25.84
N CYS G 23 -40.57 0.65 24.74
CA CYS G 23 -40.23 1.41 23.54
C CYS G 23 -41.11 0.91 22.41
N ARG G 24 -42.03 1.75 21.96
CA ARG G 24 -42.95 1.42 20.87
C ARG G 24 -42.47 2.10 19.60
N ALA G 25 -42.26 1.32 18.55
CA ALA G 25 -41.83 1.84 17.26
C ALA G 25 -43.04 2.20 16.41
N SER G 26 -42.80 3.04 15.40
CA SER G 26 -43.86 3.49 14.51
C SER G 26 -44.02 2.62 13.27
N GLN G 27 -43.02 1.80 12.93
CA GLN G 27 -43.08 0.98 11.74
C GLN G 27 -42.52 -0.41 12.06
N SER G 28 -42.26 -1.17 11.00
CA SER G 28 -41.77 -2.54 11.17
C SER G 28 -40.26 -2.56 11.28
N VAL G 29 -39.77 -3.07 12.40
CA VAL G 29 -38.34 -3.23 12.63
C VAL G 29 -38.07 -4.70 12.98
N ARG G 30 -37.00 -5.22 12.41
CA ARG G 30 -36.59 -6.60 12.65
C ARG G 30 -35.86 -6.70 13.98
N SER G 31 -36.15 -7.78 14.72
CA SER G 31 -35.65 -7.92 16.09
C SER G 31 -34.14 -8.06 16.15
N SER G 32 -33.48 -8.31 15.02
CA SER G 32 -32.04 -8.52 15.02
C SER G 32 -31.24 -7.23 14.96
N TYR G 33 -31.89 -6.07 14.91
CA TYR G 33 -31.18 -4.81 14.75
C TYR G 33 -31.74 -3.73 15.69
N LEU G 34 -32.03 -4.08 16.94
CA LEU G 34 -32.38 -3.08 17.94
C LEU G 34 -31.68 -3.42 19.25
N GLY G 35 -31.31 -2.39 20.00
CA GLY G 35 -30.66 -2.58 21.29
C GLY G 35 -31.25 -1.65 22.33
N TRP G 36 -30.89 -1.90 23.58
CA TRP G 36 -31.32 -1.11 24.72
C TRP G 36 -30.12 -0.74 25.57
N TYR G 37 -30.03 0.53 25.97
CA TYR G 37 -28.85 1.04 26.66
C TYR G 37 -29.25 1.68 27.98
N GLN G 38 -28.35 1.59 28.95
CA GLN G 38 -28.53 2.19 30.27
C GLN G 38 -27.27 2.90 30.69
N GLN G 39 -27.41 4.13 31.20
CA GLN G 39 -26.28 4.88 31.76
C GLN G 39 -26.67 5.37 33.14
N LYS G 40 -25.73 5.24 34.09
CA LYS G 40 -25.85 5.91 35.38
C LYS G 40 -25.53 7.39 35.21
N PRO G 41 -26.16 8.27 36.00
CA PRO G 41 -26.07 9.72 35.74
C PRO G 41 -24.65 10.21 35.57
N GLY G 42 -24.32 10.64 34.35
CA GLY G 42 -23.00 11.09 34.00
C GLY G 42 -22.13 10.04 33.33
N GLN G 43 -22.46 8.76 33.46
CA GLN G 43 -21.66 7.68 32.89
C GLN G 43 -22.07 7.39 31.45
N ALA G 44 -21.20 6.69 30.74
CA ALA G 44 -21.49 6.24 29.39
C ALA G 44 -22.45 5.05 29.42
N PRO G 45 -23.34 4.93 28.44
CA PRO G 45 -24.29 3.82 28.43
C PRO G 45 -23.60 2.49 28.19
N ARG G 46 -24.23 1.42 28.66
CA ARG G 46 -23.81 0.05 28.38
C ARG G 46 -24.93 -0.69 27.66
N LEU G 47 -24.56 -1.70 26.89
CA LEU G 47 -25.54 -2.46 26.12
C LEU G 47 -26.18 -3.55 26.99
N LEU G 48 -27.50 -3.64 26.95
CA LEU G 48 -28.24 -4.60 27.76
C LEU G 48 -28.96 -5.64 26.91
N ILE G 49 -29.84 -5.20 26.00
CA ILE G 49 -30.75 -6.10 25.30
C ILE G 49 -30.56 -5.94 23.80
N TYR G 50 -29.89 -6.92 23.18
CA TYR G 50 -29.75 -6.99 21.74
C TYR G 50 -30.39 -8.27 21.24
N GLY G 51 -30.95 -8.21 20.02
CA GLY G 51 -31.74 -9.31 19.52
C GLY G 51 -33.16 -9.36 20.04
N ALA G 52 -33.56 -8.37 20.85
CA ALA G 52 -34.90 -8.20 21.40
C ALA G 52 -35.23 -9.23 22.47
N SER G 53 -34.36 -10.23 22.66
CA SER G 53 -34.54 -11.17 23.77
C SER G 53 -33.24 -11.57 24.46
N SER G 54 -32.08 -11.31 23.90
CA SER G 54 -30.83 -11.92 24.35
C SER G 54 -30.03 -10.94 25.21
N ARG G 55 -29.56 -11.42 26.35
CA ARG G 55 -28.69 -10.61 27.20
C ARG G 55 -27.30 -10.49 26.58
N ALA G 56 -26.52 -9.58 27.15
CA ALA G 56 -25.09 -9.48 26.86
C ALA G 56 -24.33 -10.17 27.98
N THR G 57 -23.00 -10.15 27.89
CA THR G 57 -22.15 -10.72 28.92
C THR G 57 -22.10 -9.79 30.12
N GLY G 58 -22.40 -10.32 31.30
CA GLY G 58 -22.46 -9.55 32.51
C GLY G 58 -23.83 -8.99 32.83
N ILE G 59 -24.81 -9.21 31.95
CA ILE G 59 -26.16 -8.72 32.23
C ILE G 59 -26.75 -9.53 33.38
N PRO G 60 -27.26 -8.88 34.43
CA PRO G 60 -27.94 -9.62 35.50
C PRO G 60 -29.17 -10.33 34.97
N ASP G 61 -29.44 -11.52 35.55
CA ASP G 61 -30.54 -12.35 35.09
C ASP G 61 -31.91 -11.72 35.35
N ARG G 62 -31.98 -10.69 36.20
CA ARG G 62 -33.26 -10.10 36.56
C ARG G 62 -33.93 -9.44 35.35
N PHE G 63 -33.15 -9.16 34.31
CA PHE G 63 -33.73 -8.61 33.09
C PHE G 63 -34.03 -9.73 32.10
N SER G 64 -35.10 -9.55 31.33
CA SER G 64 -35.45 -10.53 30.29
C SER G 64 -36.36 -9.84 29.28
N GLY G 65 -35.96 -9.86 28.01
CA GLY G 65 -36.65 -9.11 26.99
C GLY G 65 -38.03 -9.66 26.67
N SER G 66 -38.79 -8.86 25.94
CA SER G 66 -40.10 -9.27 25.44
C SER G 66 -40.10 -9.39 23.92
N GLY G 67 -39.67 -8.36 23.20
CA GLY G 67 -39.44 -8.45 21.78
C GLY G 67 -40.65 -8.80 20.94
N SER G 68 -41.61 -7.88 20.86
CA SER G 68 -42.80 -8.11 20.04
C SER G 68 -42.50 -7.84 18.57
N GLY G 69 -43.55 -7.77 17.75
CA GLY G 69 -43.36 -7.54 16.33
C GLY G 69 -42.75 -6.19 16.02
N THR G 70 -43.49 -5.11 16.29
CA THR G 70 -42.99 -3.76 16.08
C THR G 70 -43.02 -2.92 17.37
N ASP G 71 -43.46 -3.49 18.48
CA ASP G 71 -43.57 -2.77 19.76
C ASP G 71 -42.76 -3.54 20.80
N PHE G 72 -41.47 -3.24 20.88
CA PHE G 72 -40.59 -3.91 21.82
C PHE G 72 -40.91 -3.49 23.25
N THR G 73 -40.54 -4.35 24.19
CA THR G 73 -40.79 -4.14 25.61
C THR G 73 -39.76 -4.96 26.40
N LEU G 74 -39.48 -4.50 27.61
CA LEU G 74 -38.55 -5.21 28.50
C LEU G 74 -39.06 -5.07 29.92
N THR G 75 -39.57 -6.17 30.48
CA THR G 75 -40.04 -6.19 31.86
C THR G 75 -38.87 -6.53 32.76
N ILE G 76 -38.63 -5.68 33.76
CA ILE G 76 -37.62 -5.92 34.79
C ILE G 76 -38.24 -6.88 35.80
N SER G 77 -37.81 -8.14 35.76
CA SER G 77 -38.38 -9.17 36.62
C SER G 77 -37.90 -9.09 38.06
N ARG G 78 -36.92 -8.23 38.35
CA ARG G 78 -36.42 -8.06 39.70
C ARG G 78 -35.55 -6.80 39.75
N LEU G 79 -35.75 -5.97 40.77
CA LEU G 79 -35.01 -4.72 40.94
C LEU G 79 -33.91 -4.86 41.98
N GLU G 80 -32.77 -4.24 41.69
CA GLU G 80 -31.77 -3.86 42.68
C GLU G 80 -31.56 -2.35 42.60
N SER G 81 -30.91 -1.79 43.62
CA SER G 81 -30.74 -0.34 43.67
C SER G 81 -29.94 0.19 42.50
N GLU G 82 -29.17 -0.67 41.83
CA GLU G 82 -28.40 -0.24 40.67
C GLU G 82 -29.30 0.15 39.50
N ASP G 83 -30.46 -0.49 39.37
CA ASP G 83 -31.31 -0.35 38.20
C ASP G 83 -32.01 1.00 38.11
N PHE G 84 -31.77 1.91 39.05
CA PHE G 84 -32.35 3.24 38.98
C PHE G 84 -31.43 4.16 38.17
N ALA G 85 -31.82 4.44 36.93
CA ALA G 85 -31.04 5.28 36.02
C ALA G 85 -31.97 5.70 34.88
N VAL G 86 -31.38 6.24 33.82
CA VAL G 86 -32.12 6.59 32.61
C VAL G 86 -31.83 5.55 31.54
N TYR G 87 -32.82 5.33 30.67
CA TYR G 87 -32.77 4.27 29.67
C TYR G 87 -33.11 4.81 28.30
N TYR G 88 -32.40 4.33 27.28
CA TYR G 88 -32.63 4.71 25.90
C TYR G 88 -32.59 3.47 25.02
N CYS G 89 -33.33 3.51 23.91
CA CYS G 89 -33.40 2.41 22.96
C CYS G 89 -33.17 2.94 21.55
N GLN G 90 -32.42 2.17 20.75
CA GLN G 90 -31.99 2.59 19.43
C GLN G 90 -32.38 1.53 18.39
N GLN G 91 -32.63 1.99 17.16
CA GLN G 91 -32.89 1.11 16.03
C GLN G 91 -31.70 1.14 15.09
N TYR G 92 -31.30 -0.05 14.62
CA TYR G 92 -30.09 -0.21 13.82
C TYR G 92 -30.40 -0.40 12.34
N ASP G 93 -31.66 -0.25 11.93
CA ASP G 93 -32.05 -0.61 10.56
C ASP G 93 -31.45 0.36 9.55
N ASN G 94 -31.82 0.14 8.28
CA ASN G 94 -31.23 0.87 7.15
C ASN G 94 -31.44 2.37 7.27
N SER G 95 -32.56 2.79 7.86
CA SER G 95 -32.86 4.21 8.01
C SER G 95 -31.85 4.85 8.95
N PRO G 96 -31.63 6.17 8.86
CA PRO G 96 -30.77 6.85 9.84
C PRO G 96 -31.14 6.50 11.27
N TRP G 97 -30.14 6.07 12.05
CA TRP G 97 -30.39 5.55 13.38
C TRP G 97 -30.85 6.66 14.32
N THR G 98 -31.83 6.37 15.15
CA THR G 98 -32.43 7.34 16.05
C THR G 98 -32.49 6.79 17.47
N PHE G 99 -32.81 7.67 18.41
CA PHE G 99 -32.91 7.33 19.82
C PHE G 99 -34.27 7.75 20.37
N GLY G 100 -34.63 7.15 21.50
CA GLY G 100 -35.82 7.55 22.23
C GLY G 100 -35.56 8.73 23.15
N GLN G 101 -36.65 9.26 23.70
CA GLN G 101 -36.53 10.46 24.54
C GLN G 101 -35.85 10.15 25.86
N GLY G 102 -36.09 8.96 26.41
CA GLY G 102 -35.46 8.59 27.66
C GLY G 102 -36.43 8.47 28.82
N THR G 103 -36.45 7.31 29.47
CA THR G 103 -37.35 7.04 30.58
C THR G 103 -36.58 7.10 31.88
N LYS G 104 -37.13 7.79 32.87
CA LYS G 104 -36.50 7.94 34.18
C LYS G 104 -37.24 7.08 35.21
N VAL G 105 -36.48 6.28 35.95
CA VAL G 105 -37.03 5.44 37.02
C VAL G 105 -36.53 5.96 38.36
N GLU G 106 -37.45 6.13 39.30
CA GLU G 106 -37.12 6.67 40.61
C GLU G 106 -37.03 5.56 41.65
N GLN H 1 -7.26 -6.97 27.40
CA GLN H 1 -8.56 -6.48 27.83
C GLN H 1 -9.10 -5.43 26.85
N MET H 2 -10.30 -5.68 26.33
CA MET H 2 -10.93 -4.76 25.39
C MET H 2 -11.26 -3.45 26.10
N GLN H 3 -10.95 -2.33 25.45
CA GLN H 3 -11.24 -1.03 26.02
C GLN H 3 -11.21 0.02 24.91
N LEU H 4 -11.96 1.10 25.13
CA LEU H 4 -11.90 2.30 24.31
C LEU H 4 -11.49 3.47 25.17
N VAL H 5 -10.26 3.95 24.98
CA VAL H 5 -9.75 5.11 25.68
C VAL H 5 -9.87 6.32 24.77
N GLN H 6 -10.53 7.36 25.26
CA GLN H 6 -10.89 8.52 24.45
C GLN H 6 -10.10 9.74 24.94
N SER H 7 -10.08 10.77 24.10
CA SER H 7 -9.28 11.96 24.38
C SER H 7 -9.90 12.76 25.52
N GLY H 8 -9.35 13.93 25.79
CA GLY H 8 -9.78 14.74 26.90
C GLY H 8 -10.70 15.88 26.49
N PRO H 9 -11.37 16.48 27.48
CA PRO H 9 -12.22 17.64 27.20
C PRO H 9 -11.44 18.76 26.53
N GLU H 10 -12.12 19.44 25.60
CA GLU H 10 -11.56 20.57 24.89
C GLU H 10 -12.57 21.70 24.87
N VAL H 11 -12.08 22.94 24.79
CA VAL H 11 -12.92 24.12 24.72
C VAL H 11 -12.45 24.95 23.53
N LYS H 12 -13.38 25.34 22.67
CA LYS H 12 -13.08 26.11 21.47
C LYS H 12 -14.06 27.27 21.37
N LYS H 13 -13.99 27.96 20.23
CA LYS H 13 -14.79 29.14 19.97
C LYS H 13 -15.66 28.94 18.72
N PRO H 14 -16.77 29.69 18.61
CA PRO H 14 -17.63 29.54 17.42
C PRO H 14 -16.88 29.87 16.15
N GLY H 15 -17.20 29.13 15.08
CA GLY H 15 -16.55 29.28 13.81
C GLY H 15 -15.26 28.48 13.66
N THR H 16 -14.80 27.84 14.72
CA THR H 16 -13.56 27.07 14.69
C THR H 16 -13.92 25.61 14.37
N SER H 17 -12.95 24.71 14.50
CA SER H 17 -13.14 23.29 14.23
C SER H 17 -12.68 22.48 15.43
N VAL H 18 -13.28 21.31 15.62
CA VAL H 18 -12.93 20.43 16.73
C VAL H 18 -12.47 19.09 16.19
N LYS H 19 -11.57 18.45 16.92
CA LYS H 19 -11.02 17.16 16.53
C LYS H 19 -10.95 16.27 17.76
N VAL H 20 -11.55 15.08 17.67
CA VAL H 20 -11.60 14.14 18.78
C VAL H 20 -11.28 12.74 18.27
N SER H 21 -10.54 11.99 19.08
CA SER H 21 -10.15 10.62 18.73
C SER H 21 -10.21 9.75 19.97
N CYS H 22 -10.49 8.47 19.76
CA CYS H 22 -10.46 7.47 20.81
C CYS H 22 -9.69 6.25 20.33
N LYS H 23 -8.83 5.73 21.21
CA LYS H 23 -7.92 4.64 20.87
C LYS H 23 -8.53 3.31 21.29
N ALA H 24 -8.51 2.35 20.38
CA ALA H 24 -9.06 1.03 20.63
C ALA H 24 -7.94 0.02 20.86
N SER H 25 -8.15 -0.86 21.84
CA SER H 25 -7.20 -1.92 22.15
C SER H 25 -7.90 -3.00 22.96
N GLY H 26 -7.46 -4.24 22.76
CA GLY H 26 -7.98 -5.36 23.50
C GLY H 26 -9.01 -6.21 22.79
N PHE H 27 -9.27 -5.94 21.51
CA PHE H 27 -10.19 -6.77 20.73
C PHE H 27 -9.81 -6.62 19.26
N THR H 28 -10.36 -7.51 18.44
CA THR H 28 -10.05 -7.53 17.01
C THR H 28 -10.64 -6.29 16.37
N PHE H 29 -9.79 -5.28 16.14
CA PHE H 29 -10.28 -4.01 15.61
C PHE H 29 -10.32 -4.00 14.09
N SER H 30 -9.79 -5.02 13.43
CA SER H 30 -9.77 -5.07 11.98
C SER H 30 -11.15 -5.35 11.37
N SER H 31 -12.11 -5.81 12.17
CA SER H 31 -13.45 -6.11 11.67
C SER H 31 -14.56 -5.40 12.43
N SER H 32 -14.25 -4.38 13.21
CA SER H 32 -15.25 -3.70 14.04
C SER H 32 -15.84 -2.51 13.29
N ALA H 33 -16.57 -1.68 14.02
CA ALA H 33 -17.10 -0.42 13.51
C ALA H 33 -17.33 0.50 14.71
N VAL H 34 -17.44 1.80 14.44
CA VAL H 34 -17.60 2.78 15.51
C VAL H 34 -18.66 3.80 15.10
N GLN H 35 -19.55 4.13 16.03
CA GLN H 35 -20.51 5.20 15.84
C GLN H 35 -20.28 6.28 16.88
N TRP H 36 -20.62 7.51 16.51
CA TRP H 36 -20.47 8.66 17.39
C TRP H 36 -21.85 9.19 17.74
N VAL H 37 -22.07 9.48 19.02
CA VAL H 37 -23.30 10.08 19.49
C VAL H 37 -22.94 11.25 20.40
N ARG H 38 -23.86 12.20 20.51
CA ARG H 38 -23.66 13.36 21.35
C ARG H 38 -24.84 13.51 22.30
N GLN H 39 -24.55 14.04 23.48
CA GLN H 39 -25.56 14.21 24.52
C GLN H 39 -25.20 15.42 25.37
N ALA H 40 -26.08 16.41 25.41
CA ALA H 40 -25.90 17.54 26.30
C ALA H 40 -26.31 17.12 27.72
N ARG H 41 -25.92 17.95 28.70
CA ARG H 41 -26.17 17.64 30.09
C ARG H 41 -27.67 17.64 30.35
N GLY H 42 -28.22 16.47 30.70
CA GLY H 42 -29.64 16.35 30.94
C GLY H 42 -30.49 16.18 29.70
N GLN H 43 -29.89 15.96 28.54
CA GLN H 43 -30.62 15.80 27.29
C GLN H 43 -30.55 14.35 26.81
N HIS H 44 -31.37 14.02 25.82
CA HIS H 44 -31.37 12.68 25.25
C HIS H 44 -30.21 12.52 24.26
N LEU H 45 -29.87 11.27 23.98
CA LEU H 45 -28.80 10.98 23.05
C LEU H 45 -29.25 11.25 21.61
N GLU H 46 -28.30 11.61 20.76
CA GLU H 46 -28.54 11.86 19.35
C GLU H 46 -27.48 11.13 18.53
N TRP H 47 -27.91 10.50 17.44
CA TRP H 47 -27.00 9.73 16.60
C TRP H 47 -26.35 10.64 15.57
N ILE H 48 -25.03 10.51 15.41
CA ILE H 48 -24.28 11.32 14.45
C ILE H 48 -24.01 10.50 13.20
N GLY H 49 -23.29 9.41 13.35
CA GLY H 49 -22.94 8.57 12.22
C GLY H 49 -22.05 7.43 12.63
N TRP H 50 -21.68 6.61 11.64
CA TRP H 50 -20.84 5.44 11.91
C TRP H 50 -20.00 5.12 10.67
N ILE H 51 -18.87 4.45 10.90
CA ILE H 51 -17.92 4.13 9.85
C ILE H 51 -17.43 2.70 10.03
N VAL H 52 -17.20 2.01 8.91
CA VAL H 52 -16.56 0.69 8.94
C VAL H 52 -15.05 0.87 9.00
N VAL H 53 -14.39 0.01 9.78
CA VAL H 53 -12.96 0.15 10.01
C VAL H 53 -12.15 -0.32 8.80
N GLY H 54 -12.49 -1.46 8.21
CA GLY H 54 -11.73 -2.00 7.11
C GLY H 54 -12.18 -1.57 5.72
N SER H 55 -13.32 -0.89 5.64
CA SER H 55 -13.87 -0.51 4.31
C SER H 55 -13.83 1.00 4.09
N GLY H 56 -14.07 1.79 5.15
CA GLY H 56 -14.11 3.22 5.01
C GLY H 56 -15.47 3.78 4.64
N ASN H 57 -16.47 2.93 4.42
CA ASN H 57 -17.82 3.42 4.14
C ASN H 57 -18.36 4.18 5.33
N THR H 58 -19.03 5.29 5.06
CA THR H 58 -19.55 6.18 6.09
C THR H 58 -21.05 6.33 5.92
N ASN H 59 -21.72 6.69 7.02
CA ASN H 59 -23.14 6.96 7.00
C ASN H 59 -23.43 8.03 8.04
N TYR H 60 -24.01 9.14 7.59
CA TYR H 60 -24.21 10.31 8.44
C TYR H 60 -25.70 10.52 8.68
N ALA H 61 -26.01 11.30 9.72
CA ALA H 61 -27.39 11.69 9.96
C ALA H 61 -27.81 12.74 8.93
N GLN H 62 -29.13 12.89 8.77
CA GLN H 62 -29.65 13.83 7.78
C GLN H 62 -29.34 15.28 8.16
N LYS H 63 -29.35 15.58 9.47
CA LYS H 63 -29.17 16.96 9.90
C LYS H 63 -27.73 17.43 9.74
N PHE H 64 -26.77 16.58 10.11
CA PHE H 64 -25.38 16.99 10.25
C PHE H 64 -24.50 16.55 9.09
N GLN H 65 -25.09 16.04 8.00
CA GLN H 65 -24.30 15.38 6.97
C GLN H 65 -23.36 16.35 6.24
N GLU H 66 -23.59 17.65 6.39
CA GLU H 66 -22.72 18.64 5.75
C GLU H 66 -21.61 19.15 6.66
N ARG H 67 -21.58 18.75 7.93
CA ARG H 67 -20.61 19.31 8.87
C ARG H 67 -20.02 18.23 9.76
N VAL H 68 -19.94 16.99 9.25
CA VAL H 68 -19.30 15.90 9.98
C VAL H 68 -18.46 15.10 8.99
N THR H 69 -17.31 14.65 9.44
CA THR H 69 -16.46 13.74 8.68
C THR H 69 -15.90 12.68 9.61
N LEU H 70 -15.64 11.49 9.06
CA LEU H 70 -15.14 10.37 9.83
C LEU H 70 -13.90 9.80 9.16
N THR H 71 -12.83 9.66 9.94
CA THR H 71 -11.56 9.16 9.43
C THR H 71 -11.00 8.16 10.43
N ARG H 72 -10.32 7.14 9.91
CA ARG H 72 -9.69 6.13 10.74
C ARG H 72 -8.32 5.81 10.18
N ASP H 73 -7.44 5.32 11.05
CA ASP H 73 -6.09 4.91 10.67
C ASP H 73 -5.88 3.48 11.15
N MET H 74 -5.66 2.56 10.21
CA MET H 74 -5.48 1.16 10.57
C MET H 74 -4.17 0.93 11.31
N SER H 75 -3.13 1.69 10.96
CA SER H 75 -1.83 1.51 11.62
C SER H 75 -1.92 1.81 13.11
N THR H 76 -2.60 2.90 13.46
CA THR H 76 -2.75 3.31 14.85
C THR H 76 -4.07 2.87 15.46
N ARG H 77 -4.88 2.10 14.71
CA ARG H 77 -6.18 1.59 15.15
C ARG H 77 -6.97 2.64 15.94
N THR H 78 -7.22 3.77 15.27
CA THR H 78 -7.84 4.92 15.89
C THR H 78 -9.00 5.41 15.03
N ALA H 79 -10.01 5.96 15.68
CA ALA H 79 -11.16 6.56 15.00
C ALA H 79 -11.17 8.06 15.26
N TYR H 80 -11.33 8.84 14.19
CA TYR H 80 -11.27 10.29 14.26
C TYR H 80 -12.59 10.88 13.79
N MET H 81 -13.11 11.84 14.54
CA MET H 81 -14.33 12.55 14.17
C MET H 81 -14.07 14.04 14.25
N GLU H 82 -14.39 14.76 13.19
CA GLU H 82 -14.19 16.20 13.10
C GLU H 82 -15.55 16.86 12.86
N LEU H 83 -15.84 17.89 13.65
CA LEU H 83 -17.06 18.68 13.51
C LEU H 83 -16.69 20.12 13.19
N SER H 84 -17.27 20.66 12.13
CA SER H 84 -17.00 22.02 11.68
C SER H 84 -18.24 22.88 11.88
N SER H 85 -18.06 24.18 11.68
CA SER H 85 -19.12 25.18 11.84
C SER H 85 -19.71 25.11 13.26
N LEU H 86 -18.85 25.40 14.23
CA LEU H 86 -19.24 25.33 15.63
C LEU H 86 -20.31 26.36 15.96
N ARG H 87 -21.21 25.98 16.87
CA ARG H 87 -22.27 26.86 17.35
C ARG H 87 -22.41 26.68 18.85
N SER H 88 -23.13 27.62 19.47
CA SER H 88 -23.32 27.61 20.91
C SER H 88 -24.11 26.40 21.40
N GLU H 89 -24.92 25.77 20.54
CA GLU H 89 -25.75 24.65 20.93
C GLU H 89 -25.08 23.30 20.68
N ASP H 90 -23.76 23.30 20.49
CA ASP H 90 -23.03 22.06 20.25
C ASP H 90 -22.24 21.60 21.48
N THR H 91 -22.55 22.13 22.65
CA THR H 91 -21.92 21.67 23.89
C THR H 91 -22.59 20.38 24.34
N ALA H 92 -21.94 19.26 24.07
CA ALA H 92 -22.49 17.94 24.39
C ALA H 92 -21.34 16.96 24.53
N VAL H 93 -21.62 15.83 25.16
CA VAL H 93 -20.64 14.79 25.40
C VAL H 93 -20.65 13.83 24.21
N TYR H 94 -19.48 13.60 23.62
CA TYR H 94 -19.33 12.75 22.45
C TYR H 94 -18.74 11.41 22.85
N TYR H 95 -19.34 10.33 22.35
CA TYR H 95 -18.95 8.97 22.69
C TYR H 95 -18.61 8.20 21.43
N CYS H 96 -17.69 7.24 21.55
CA CYS H 96 -17.40 6.29 20.48
C CYS H 96 -17.69 4.88 21.00
N ALA H 97 -18.48 4.13 20.26
CA ALA H 97 -18.93 2.80 20.67
C ALA H 97 -18.68 1.81 19.55
N ALA H 98 -18.22 0.62 19.91
CA ALA H 98 -17.86 -0.43 18.97
C ALA H 98 -18.43 -1.77 19.40
N PRO H 99 -18.58 -2.71 18.48
CA PRO H 99 -18.88 -4.09 18.87
C PRO H 99 -17.62 -4.81 19.34
N ASN H 100 -17.84 -5.99 19.91
CA ASN H 100 -16.72 -6.85 20.30
C ASN H 100 -16.46 -7.88 19.22
N CYS H 101 -15.22 -8.38 19.19
CA CYS H 101 -14.82 -9.34 18.17
C CYS H 101 -13.80 -10.31 18.75
N ASN H 102 -13.72 -11.51 18.17
CA ASN H 102 -12.69 -12.48 18.50
C ASN H 102 -11.92 -12.90 17.25
N SER H 103 -11.96 -12.06 16.22
CA SER H 103 -11.26 -12.26 14.95
C SER H 103 -11.90 -13.35 14.12
N THR H 104 -12.89 -14.05 14.67
CA THR H 104 -13.63 -15.05 13.92
C THR H 104 -15.10 -14.67 13.85
N THR H 105 -15.72 -14.44 15.01
CA THR H 105 -17.11 -14.02 15.06
C THR H 105 -17.24 -12.76 15.90
N CYS H 106 -17.80 -11.70 15.33
CA CYS H 106 -17.92 -10.45 16.05
C CYS H 106 -19.24 -10.38 16.82
N HIS H 107 -19.23 -9.58 17.88
CA HIS H 107 -20.41 -9.42 18.71
C HIS H 107 -21.51 -8.70 17.93
N ASP H 108 -22.76 -9.08 18.26
CA ASP H 108 -23.94 -8.45 17.62
C ASP H 108 -24.39 -7.27 18.49
N GLY H 109 -24.23 -6.05 17.98
CA GLY H 109 -24.58 -4.84 18.70
C GLY H 109 -23.35 -4.11 19.20
N PHE H 110 -23.59 -2.89 19.68
CA PHE H 110 -22.54 -2.02 20.22
C PHE H 110 -22.51 -2.21 21.73
N ASP H 111 -21.52 -2.97 22.21
CA ASP H 111 -21.43 -3.28 23.63
C ASP H 111 -20.37 -2.46 24.35
N ILE H 112 -19.14 -2.40 23.82
CA ILE H 112 -18.05 -1.68 24.47
C ILE H 112 -18.19 -0.19 24.20
N TRP H 113 -17.89 0.61 25.21
CA TRP H 113 -18.12 2.06 25.16
C TRP H 113 -16.92 2.81 25.70
N GLY H 114 -16.81 4.08 25.31
CA GLY H 114 -15.76 4.94 25.80
C GLY H 114 -16.16 5.70 27.04
N GLN H 115 -15.32 6.67 27.41
CA GLN H 115 -15.54 7.48 28.60
C GLN H 115 -16.25 8.80 28.31
N GLY H 116 -16.14 9.32 27.10
CA GLY H 116 -16.82 10.55 26.74
C GLY H 116 -16.03 11.81 26.98
N THR H 117 -16.18 12.79 26.10
CA THR H 117 -15.48 14.07 26.19
C THR H 117 -16.49 15.20 26.26
N VAL H 118 -16.22 16.19 27.10
CA VAL H 118 -17.07 17.36 27.23
C VAL H 118 -16.45 18.49 26.43
N VAL H 119 -17.22 19.06 25.51
CA VAL H 119 -16.75 20.11 24.61
C VAL H 119 -17.62 21.34 24.82
N THR H 120 -16.99 22.50 24.97
CA THR H 120 -17.68 23.76 25.20
C THR H 120 -17.35 24.73 24.08
N VAL H 121 -18.37 25.42 23.57
CA VAL H 121 -18.22 26.42 22.52
C VAL H 121 -18.70 27.75 23.08
N SER H 122 -17.77 28.66 23.38
CA SER H 122 -18.10 29.97 23.93
C SER H 122 -17.13 30.99 23.34
N SER H 123 -17.32 32.25 23.69
CA SER H 123 -16.49 33.33 23.20
C SER H 123 -16.38 34.47 24.20
#